data_3CRK
#
_entry.id   3CRK
#
_cell.length_a   71.380
_cell.length_b   120.679
_cell.length_c   71.466
_cell.angle_alpha   90.000
_cell.angle_beta   96.030
_cell.angle_gamma   90.000
#
_symmetry.space_group_name_H-M   'P 1 21 1'
#
loop_
_entity.id
_entity.type
_entity.pdbx_description
1 polymer 'Pyruvate dehydrogenase [lipoamide] kinase isozyme 2, mitochondrial'
2 polymer 'Dihydrolipoyllysine-residue acetyltransferase component of pyruvate dehydrogenase complex, mitochondrial'
3 non-polymer 'POTASSIUM ION'
4 water water
#
loop_
_entity_poly.entity_id
_entity_poly.type
_entity_poly.pdbx_seq_one_letter_code
_entity_poly.pdbx_strand_id
1 'polypeptide(L)'
;MRWFRALLKNASLAGAPKYIEHFSKFSPSPLSMKQFLDFGSSNACEKTSFTFLRQELPVRLANIMKEINLLPDRVLSTPS
VQLVQSWYVQSLLDIMEFLDKDPEDHRTLSQFTDALVTIRNRHNDVVPTMAQGVLEYKDTYGDDPVSNQNIQYFLDRFYL
SRISIRMLINQHTLIFDGSTNPAHPKHIGSIDPNCSVSDVVKDAYDMAKLLCDKYYMASPDLEIQEVNATNATQPIHMVY
VPSHLYHMLFELFKNAMRATVESHESSLTLPPIKIMVALGEEDLSIKMSDRGGGVPLRKIERLFSYMYSTAPTPQPGTGG
TPLAGFGYGLPISRLYAKYFQGDLQLFSMEGFGTDAVIYLKALSTDSVERLPVYNKSAWRHYQTIQEAGDWCVPSTEPKN
TSTYRVS
;
A,B
2 'polypeptide(L)'
;SYPPHMQVLLPALSPTMTMGTVQRWEKKVGEKLSEGDLLAEIETD(LA2)ATIGFEVQEEGYLAKILVPEGTRDVPLGTP
LCIIVEKEADI
;
C,D
#
# COMPACT_ATOMS: atom_id res chain seq x y z
CA SER A 12 -31.86 -7.89 27.10
C SER A 12 -30.79 -6.84 26.80
N LEU A 13 -31.17 -5.56 26.87
CA LEU A 13 -30.24 -4.46 26.63
C LEU A 13 -28.99 -4.53 27.51
N ALA A 14 -29.17 -4.86 28.78
CA ALA A 14 -28.06 -4.98 29.74
C ALA A 14 -26.97 -5.96 29.28
N GLY A 15 -27.37 -7.07 28.67
CA GLY A 15 -26.44 -8.14 28.28
C GLY A 15 -25.82 -7.98 26.90
N ALA A 16 -25.95 -6.79 26.32
CA ALA A 16 -25.43 -6.48 24.99
C ALA A 16 -23.93 -6.77 24.80
N PRO A 17 -23.07 -6.43 25.79
CA PRO A 17 -21.62 -6.67 25.57
C PRO A 17 -21.24 -8.15 25.58
N LYS A 18 -22.07 -8.98 26.22
CA LYS A 18 -21.88 -10.44 26.21
C LYS A 18 -22.25 -11.00 24.83
N TYR A 19 -23.34 -10.47 24.27
CA TYR A 19 -23.83 -10.88 22.95
C TYR A 19 -22.83 -10.48 21.85
N ILE A 20 -22.23 -9.30 22.02
CA ILE A 20 -21.22 -8.80 21.10
C ILE A 20 -19.95 -9.67 21.19
N GLU A 21 -19.56 -10.02 22.41
CA GLU A 21 -18.40 -10.88 22.63
C GLU A 21 -18.59 -12.27 22.01
N HIS A 22 -19.80 -12.83 22.16
CA HIS A 22 -20.14 -14.14 21.61
C HIS A 22 -20.08 -14.18 20.08
N PHE A 23 -20.74 -13.22 19.44
CA PHE A 23 -20.87 -13.20 17.99
C PHE A 23 -19.63 -12.66 17.27
N SER A 24 -18.85 -11.84 17.97
CA SER A 24 -17.62 -11.26 17.40
C SER A 24 -16.51 -12.30 17.27
N LYS A 25 -16.62 -13.38 18.03
CA LYS A 25 -15.65 -14.48 17.96
C LYS A 25 -15.79 -15.30 16.66
N PHE A 26 -16.89 -15.09 15.95
CA PHE A 26 -17.15 -15.81 14.70
C PHE A 26 -16.67 -14.99 13.51
N SER A 27 -16.25 -15.69 12.46
CA SER A 27 -15.91 -15.05 11.21
C SER A 27 -17.20 -14.81 10.43
N PRO A 28 -17.33 -13.62 9.80
CA PRO A 28 -18.36 -13.43 8.78
C PRO A 28 -18.19 -14.43 7.63
N SER A 29 -19.27 -14.69 6.90
CA SER A 29 -19.24 -15.64 5.80
C SER A 29 -19.35 -14.93 4.47
N PRO A 30 -18.21 -14.77 3.78
CA PRO A 30 -18.17 -14.04 2.52
C PRO A 30 -18.80 -14.86 1.39
N LEU A 31 -19.77 -14.26 0.71
CA LEU A 31 -20.49 -14.93 -0.35
C LEU A 31 -20.08 -14.40 -1.74
N SER A 32 -20.19 -15.25 -2.74
CA SER A 32 -19.88 -14.85 -4.10
C SER A 32 -21.15 -14.39 -4.81
N MET A 33 -20.95 -13.66 -5.91
CA MET A 33 -22.03 -13.25 -6.79
C MET A 33 -22.77 -14.47 -7.35
N LYS A 34 -22.00 -15.55 -7.58
CA LYS A 34 -22.55 -16.81 -8.07
C LYS A 34 -23.51 -17.45 -7.05
N GLN A 35 -23.14 -17.41 -5.77
CA GLN A 35 -23.98 -17.94 -4.69
C GLN A 35 -25.27 -17.14 -4.51
N PHE A 36 -25.17 -15.82 -4.66
CA PHE A 36 -26.34 -14.95 -4.68
C PHE A 36 -27.26 -15.30 -5.86
N LEU A 37 -26.66 -15.61 -7.00
CA LEU A 37 -27.38 -16.00 -8.22
C LEU A 37 -28.02 -17.38 -8.18
N ASP A 38 -27.33 -18.34 -7.55
CA ASP A 38 -27.81 -19.72 -7.46
C ASP A 38 -28.97 -19.84 -6.48
N PHE A 39 -28.94 -18.99 -5.45
CA PHE A 39 -30.00 -18.93 -4.46
C PHE A 39 -31.34 -18.55 -5.10
N GLY A 40 -31.28 -17.61 -6.05
CA GLY A 40 -32.44 -17.20 -6.84
C GLY A 40 -32.36 -17.66 -8.28
N SER A 41 -31.85 -18.89 -8.48
CA SER A 41 -31.80 -19.48 -9.81
C SER A 41 -33.08 -20.27 -10.10
N SER A 42 -33.85 -20.56 -9.04
CA SER A 42 -35.10 -21.30 -9.16
C SER A 42 -36.07 -20.97 -8.02
N ASN A 43 -36.04 -21.77 -6.96
CA ASN A 43 -36.96 -21.61 -5.83
C ASN A 43 -36.58 -20.48 -4.88
N ALA A 44 -37.60 -19.72 -4.48
CA ALA A 44 -37.44 -18.68 -3.47
C ALA A 44 -37.55 -19.32 -2.08
N CYS A 45 -36.41 -19.67 -1.50
CA CYS A 45 -36.40 -20.32 -0.17
C CYS A 45 -36.13 -19.34 0.96
N GLU A 46 -37.20 -18.88 1.58
CA GLU A 46 -37.14 -17.92 2.67
C GLU A 46 -36.51 -18.52 3.93
N LYS A 47 -36.72 -19.82 4.13
CA LYS A 47 -36.30 -20.56 5.32
C LYS A 47 -34.79 -20.57 5.52
N THR A 48 -34.05 -21.03 4.50
CA THR A 48 -32.59 -21.09 4.58
C THR A 48 -31.96 -19.70 4.68
N SER A 49 -32.53 -18.73 3.97
CA SER A 49 -32.12 -17.33 4.06
C SER A 49 -32.33 -16.78 5.46
N PHE A 50 -33.53 -16.98 6.00
CA PHE A 50 -33.83 -16.59 7.38
C PHE A 50 -32.81 -17.18 8.35
N THR A 51 -32.57 -18.49 8.23
CA THR A 51 -31.64 -19.18 9.14
C THR A 51 -30.19 -18.79 8.92
N PHE A 52 -29.85 -18.40 7.68
CA PHE A 52 -28.53 -17.85 7.41
C PHE A 52 -28.39 -16.45 8.01
N LEU A 53 -29.35 -15.57 7.71
CA LEU A 53 -29.27 -14.17 8.09
C LEU A 53 -29.49 -13.88 9.58
N ARG A 54 -30.28 -14.70 10.27
CA ARG A 54 -30.52 -14.50 11.70
C ARG A 54 -29.26 -14.78 12.53
N GLN A 55 -28.28 -15.43 11.89
CA GLN A 55 -26.98 -15.72 12.49
C GLN A 55 -25.90 -14.81 11.90
N GLU A 56 -25.91 -14.65 10.59
CA GLU A 56 -24.86 -13.90 9.90
C GLU A 56 -24.88 -12.39 10.21
N LEU A 57 -26.07 -11.81 10.29
CA LEU A 57 -26.20 -10.38 10.58
C LEU A 57 -25.67 -10.02 11.97
N PRO A 58 -26.07 -10.78 13.02
CA PRO A 58 -25.40 -10.63 14.32
C PRO A 58 -23.87 -10.78 14.24
N VAL A 59 -23.39 -11.78 13.49
CA VAL A 59 -21.94 -11.98 13.32
C VAL A 59 -21.26 -10.74 12.72
N ARG A 60 -21.85 -10.20 11.65
CA ARG A 60 -21.28 -9.02 11.00
C ARG A 60 -21.41 -7.77 11.86
N LEU A 61 -22.59 -7.58 12.46
CA LEU A 61 -22.81 -6.47 13.39
C LEU A 61 -21.79 -6.52 14.55
N ALA A 62 -21.72 -7.66 15.23
CA ALA A 62 -20.83 -7.81 16.39
C ALA A 62 -19.36 -7.60 16.06
N ASN A 63 -18.92 -8.14 14.93
CA ASN A 63 -17.53 -7.96 14.47
C ASN A 63 -17.13 -6.50 14.29
N ILE A 64 -18.01 -5.72 13.67
CA ILE A 64 -17.71 -4.30 13.45
C ILE A 64 -17.87 -3.46 14.72
N MET A 65 -18.75 -3.90 15.62
CA MET A 65 -18.99 -3.17 16.87
C MET A 65 -17.81 -3.27 17.85
N LYS A 66 -17.10 -4.38 17.80
CA LYS A 66 -15.86 -4.52 18.57
C LYS A 66 -14.82 -3.49 18.14
N GLU A 67 -14.75 -3.24 16.84
CA GLU A 67 -13.84 -2.24 16.28
C GLU A 67 -14.28 -0.81 16.56
N ILE A 68 -15.60 -0.60 16.64
CA ILE A 68 -16.16 0.71 16.99
C ILE A 68 -15.66 1.19 18.35
N ASN A 69 -15.75 0.32 19.37
CA ASN A 69 -15.33 0.69 20.70
C ASN A 69 -13.82 0.54 20.93
N LEU A 70 -13.07 0.38 19.84
CA LEU A 70 -11.61 0.34 19.88
C LEU A 70 -10.98 1.64 19.36
N LEU A 71 -11.81 2.55 18.86
CA LEU A 71 -11.29 3.78 18.29
C LEU A 71 -11.03 4.85 19.37
N PRO A 72 -10.23 5.88 19.02
CA PRO A 72 -9.97 6.97 19.97
C PRO A 72 -11.24 7.40 20.71
N ASP A 73 -11.14 7.52 22.03
CA ASP A 73 -12.29 7.89 22.86
C ASP A 73 -12.86 9.25 22.47
N ARG A 74 -11.98 10.11 21.97
CA ARG A 74 -12.33 11.44 21.48
C ARG A 74 -13.21 11.38 20.22
N VAL A 75 -13.15 10.25 19.52
CA VAL A 75 -14.03 10.01 18.38
C VAL A 75 -15.28 9.25 18.84
N LEU A 76 -15.10 8.35 19.81
CA LEU A 76 -16.17 7.49 20.29
C LEU A 76 -17.26 8.27 21.05
N SER A 77 -16.83 9.20 21.89
CA SER A 77 -17.73 10.00 22.72
C SER A 77 -18.50 11.06 21.91
N THR A 78 -18.21 11.14 20.62
CA THR A 78 -18.85 12.11 19.74
C THR A 78 -20.33 11.73 19.55
N PRO A 79 -21.23 12.74 19.52
CA PRO A 79 -22.66 12.47 19.46
C PRO A 79 -23.05 11.59 18.28
N SER A 80 -22.52 11.89 17.10
CA SER A 80 -22.85 11.16 15.88
C SER A 80 -22.43 9.68 15.89
N VAL A 81 -21.23 9.40 16.40
CA VAL A 81 -20.76 8.00 16.53
C VAL A 81 -21.58 7.26 17.62
N GLN A 82 -21.92 7.97 18.70
CA GLN A 82 -22.80 7.43 19.74
C GLN A 82 -24.16 7.01 19.18
N LEU A 83 -24.76 7.88 18.36
CA LEU A 83 -26.03 7.58 17.69
C LEU A 83 -25.93 6.34 16.77
N VAL A 84 -24.91 6.30 15.92
CA VAL A 84 -24.70 5.16 15.01
C VAL A 84 -24.56 3.85 15.80
N GLN A 85 -23.70 3.87 16.81
CA GLN A 85 -23.51 2.70 17.68
C GLN A 85 -24.82 2.24 18.34
N SER A 86 -25.66 3.18 18.75
CA SER A 86 -26.99 2.85 19.29
C SER A 86 -27.90 2.17 18.25
N TRP A 87 -27.78 2.57 16.98
CA TRP A 87 -28.51 1.90 15.89
C TRP A 87 -28.07 0.46 15.75
N TYR A 88 -26.76 0.24 15.85
CA TYR A 88 -26.16 -1.08 15.73
C TYR A 88 -26.55 -2.01 16.89
N VAL A 89 -26.59 -1.46 18.11
CA VAL A 89 -27.04 -2.19 19.29
C VAL A 89 -28.49 -2.64 19.11
N GLN A 90 -29.35 -1.70 18.69
CA GLN A 90 -30.76 -2.00 18.46
C GLN A 90 -30.97 -3.06 17.38
N SER A 91 -30.28 -2.90 16.25
CA SER A 91 -30.38 -3.83 15.11
C SER A 91 -29.94 -5.23 15.51
N LEU A 92 -28.81 -5.33 16.19
CA LEU A 92 -28.36 -6.61 16.75
C LEU A 92 -29.44 -7.23 17.66
N LEU A 93 -29.96 -6.45 18.60
CA LEU A 93 -31.03 -6.90 19.50
C LEU A 93 -32.29 -7.32 18.75
N ASP A 94 -32.69 -6.53 17.75
CA ASP A 94 -33.87 -6.85 16.93
C ASP A 94 -33.77 -8.22 16.27
N ILE A 95 -32.60 -8.54 15.72
CA ILE A 95 -32.36 -9.83 15.07
C ILE A 95 -32.28 -10.99 16.06
N MET A 96 -31.59 -10.78 17.18
CA MET A 96 -31.43 -11.81 18.20
C MET A 96 -32.76 -12.33 18.75
N GLU A 97 -33.82 -11.55 18.54
CA GLU A 97 -35.17 -11.93 18.95
C GLU A 97 -35.77 -13.05 18.09
N PHE A 98 -35.13 -13.28 16.94
CA PHE A 98 -35.52 -14.35 16.00
C PHE A 98 -34.68 -15.62 16.17
N LEU A 99 -33.72 -15.58 17.09
CA LEU A 99 -32.71 -16.64 17.25
C LEU A 99 -33.32 -18.00 17.62
N ASP A 100 -34.38 -17.97 18.43
CA ASP A 100 -35.04 -19.18 18.90
C ASP A 100 -36.44 -19.33 18.30
N LYS A 101 -36.73 -18.55 17.28
CA LYS A 101 -38.01 -18.63 16.57
C LYS A 101 -37.96 -19.72 15.50
N ASP A 102 -39.13 -20.27 15.18
CA ASP A 102 -39.22 -21.43 14.31
C ASP A 102 -39.45 -21.05 12.84
N PRO A 103 -38.58 -21.53 11.94
CA PRO A 103 -38.91 -21.52 10.51
C PRO A 103 -40.11 -22.43 10.25
N GLU A 104 -40.56 -22.52 9.00
CA GLU A 104 -41.77 -23.29 8.66
C GLU A 104 -43.03 -22.60 9.18
N ASP A 105 -42.86 -21.76 10.20
CA ASP A 105 -43.92 -20.87 10.65
C ASP A 105 -43.81 -19.59 9.84
N HIS A 106 -44.80 -19.38 8.97
CA HIS A 106 -44.75 -18.31 7.97
C HIS A 106 -44.87 -16.90 8.54
N ARG A 107 -45.40 -16.79 9.76
CA ARG A 107 -45.53 -15.49 10.44
C ARG A 107 -44.17 -14.92 10.87
N THR A 108 -43.31 -15.76 11.42
CA THR A 108 -41.98 -15.32 11.86
C THR A 108 -41.07 -14.95 10.68
N LEU A 109 -41.28 -15.59 9.53
CA LEU A 109 -40.59 -15.21 8.29
C LEU A 109 -41.04 -13.82 7.85
N SER A 110 -42.35 -13.59 7.88
CA SER A 110 -42.94 -12.30 7.50
C SER A 110 -42.52 -11.20 8.47
N GLN A 111 -42.43 -11.54 9.75
CA GLN A 111 -41.97 -10.61 10.79
C GLN A 111 -40.48 -10.31 10.64
N PHE A 112 -39.70 -11.32 10.24
CA PHE A 112 -38.27 -11.15 10.02
C PHE A 112 -37.97 -10.16 8.89
N THR A 113 -38.74 -10.24 7.81
CA THR A 113 -38.62 -9.30 6.70
C THR A 113 -38.95 -7.87 7.15
N ASP A 114 -40.00 -7.74 7.95
CA ASP A 114 -40.39 -6.45 8.56
C ASP A 114 -39.29 -5.91 9.45
N ALA A 115 -38.58 -6.80 10.12
CA ALA A 115 -37.47 -6.41 10.99
C ALA A 115 -36.25 -5.98 10.19
N LEU A 116 -36.12 -6.51 8.97
CA LEU A 116 -35.00 -6.11 8.10
C LEU A 116 -35.22 -4.73 7.47
N VAL A 117 -36.45 -4.46 7.04
CA VAL A 117 -36.77 -3.16 6.46
C VAL A 117 -36.70 -2.04 7.51
N THR A 118 -37.10 -2.35 8.74
CA THR A 118 -36.97 -1.42 9.87
C THR A 118 -35.49 -1.09 10.12
N ILE A 119 -34.65 -2.13 10.10
CA ILE A 119 -33.21 -1.97 10.30
C ILE A 119 -32.56 -1.15 9.17
N ARG A 120 -32.99 -1.41 7.94
CA ARG A 120 -32.50 -0.66 6.78
C ARG A 120 -32.93 0.81 6.83
N ASN A 121 -34.12 1.06 7.37
CA ASN A 121 -34.64 2.42 7.50
C ASN A 121 -33.92 3.26 8.55
N ARG A 122 -33.59 2.65 9.70
CA ARG A 122 -32.85 3.39 10.74
C ARG A 122 -31.37 3.54 10.40
N HIS A 123 -30.86 2.65 9.56
CA HIS A 123 -29.46 2.70 9.14
C HIS A 123 -29.25 3.52 7.87
N ASN A 124 -30.34 4.05 7.31
CA ASN A 124 -30.30 4.75 6.02
C ASN A 124 -29.28 5.88 5.92
N ASP A 125 -29.06 6.57 7.03
CA ASP A 125 -28.17 7.72 7.07
C ASP A 125 -26.87 7.43 7.80
N VAL A 126 -26.50 6.16 7.90
CA VAL A 126 -25.28 5.75 8.61
C VAL A 126 -24.02 6.42 8.06
N VAL A 127 -23.95 6.55 6.73
CA VAL A 127 -22.77 7.12 6.09
C VAL A 127 -22.54 8.61 6.40
N PRO A 128 -23.56 9.47 6.15
CA PRO A 128 -23.39 10.89 6.52
C PRO A 128 -23.29 11.15 8.03
N THR A 129 -23.91 10.30 8.84
CA THR A 129 -23.87 10.43 10.30
C THR A 129 -22.49 10.10 10.86
N MET A 130 -21.95 8.96 10.45
CA MET A 130 -20.57 8.59 10.77
C MET A 130 -19.58 9.68 10.32
N ALA A 131 -19.87 10.30 9.18
CA ALA A 131 -19.05 11.38 8.62
C ALA A 131 -19.14 12.68 9.43
N GLN A 132 -20.32 12.98 9.94
CA GLN A 132 -20.52 14.12 10.86
C GLN A 132 -19.80 13.86 12.19
N GLY A 133 -19.70 12.59 12.57
CA GLY A 133 -18.96 12.18 13.76
C GLY A 133 -17.48 12.46 13.64
N VAL A 134 -16.90 12.09 12.50
CA VAL A 134 -15.52 12.43 12.18
C VAL A 134 -15.35 13.95 12.11
N LEU A 135 -16.37 14.64 11.61
CA LEU A 135 -16.37 16.10 11.51
C LEU A 135 -16.41 16.80 12.87
N GLU A 136 -17.30 16.34 13.75
CA GLU A 136 -17.37 16.83 15.13
C GLU A 136 -16.05 16.62 15.85
N TYR A 137 -15.36 15.53 15.53
CA TYR A 137 -14.05 15.25 16.06
C TYR A 137 -13.01 16.23 15.51
N LYS A 138 -13.11 16.54 14.21
CA LYS A 138 -12.20 17.46 13.53
C LYS A 138 -12.23 18.88 14.11
N ASP A 139 -13.44 19.43 14.27
CA ASP A 139 -13.59 20.81 14.74
C ASP A 139 -13.47 20.95 16.27
N THR A 140 -12.81 19.99 16.91
CA THR A 140 -12.62 19.99 18.35
C THR A 140 -11.19 19.64 18.76
N TYR A 141 -10.63 18.58 18.16
CA TYR A 141 -9.32 18.07 18.55
C TYR A 141 -8.22 18.28 17.51
N GLY A 142 -8.62 18.60 16.28
CA GLY A 142 -7.67 18.80 15.19
C GLY A 142 -7.21 17.47 14.62
N ASP A 143 -5.91 17.20 14.72
CA ASP A 143 -5.36 15.93 14.25
C ASP A 143 -4.04 15.51 14.89
N ASP A 144 -3.96 14.24 15.27
CA ASP A 144 -2.71 13.59 15.64
C ASP A 144 -2.51 12.35 14.77
N PRO A 145 -1.28 12.13 14.27
CA PRO A 145 -0.95 11.07 13.31
C PRO A 145 -1.52 9.69 13.66
N VAL A 146 -1.46 9.31 14.94
CA VAL A 146 -1.93 7.99 15.40
C VAL A 146 -3.45 7.80 15.31
N SER A 147 -4.20 8.78 15.80
CA SER A 147 -5.66 8.71 15.79
C SER A 147 -6.20 8.75 14.37
N ASN A 148 -5.65 9.64 13.54
CA ASN A 148 -5.99 9.72 12.12
C ASN A 148 -5.77 8.40 11.40
N GLN A 149 -4.70 7.70 11.76
CA GLN A 149 -4.31 6.43 11.15
C GLN A 149 -5.36 5.35 11.44
N ASN A 150 -5.83 5.33 12.68
CA ASN A 150 -6.86 4.40 13.14
C ASN A 150 -8.24 4.71 12.55
N ILE A 151 -8.53 5.99 12.33
CA ILE A 151 -9.83 6.41 11.81
C ILE A 151 -9.97 5.98 10.35
N GLN A 152 -8.90 6.18 9.59
CA GLN A 152 -8.80 5.71 8.20
C GLN A 152 -9.01 4.20 8.12
N TYR A 153 -8.20 3.47 8.88
CA TYR A 153 -8.27 2.01 8.93
C TYR A 153 -9.67 1.54 9.30
N PHE A 154 -10.27 2.20 10.30
CA PHE A 154 -11.62 1.85 10.77
C PHE A 154 -12.70 2.09 9.72
N LEU A 155 -12.70 3.29 9.13
CA LEU A 155 -13.76 3.69 8.20
C LEU A 155 -13.88 2.84 6.93
N ASP A 156 -12.74 2.45 6.35
CA ASP A 156 -12.74 1.50 5.23
C ASP A 156 -13.48 0.24 5.63
N ARG A 157 -13.20 -0.23 6.84
CA ARG A 157 -13.78 -1.47 7.33
C ARG A 157 -15.25 -1.29 7.70
N PHE A 158 -15.54 -0.17 8.38
CA PHE A 158 -16.89 0.15 8.79
C PHE A 158 -17.83 0.32 7.59
N TYR A 159 -17.40 1.11 6.61
CA TYR A 159 -18.21 1.34 5.42
C TYR A 159 -18.36 0.11 4.51
N LEU A 160 -17.34 -0.74 4.43
CA LEU A 160 -17.44 -2.01 3.71
C LEU A 160 -18.34 -3.03 4.44
N SER A 161 -18.23 -3.08 5.77
CA SER A 161 -19.18 -3.86 6.58
C SER A 161 -20.59 -3.40 6.27
N ARG A 162 -20.79 -2.08 6.26
CA ARG A 162 -22.09 -1.45 5.98
C ARG A 162 -22.67 -1.85 4.61
N ILE A 163 -21.83 -1.75 3.58
CA ILE A 163 -22.21 -2.15 2.23
C ILE A 163 -22.63 -3.63 2.20
N SER A 164 -21.93 -4.45 2.98
CA SER A 164 -22.17 -5.87 3.00
C SER A 164 -23.49 -6.22 3.70
N ILE A 165 -23.79 -5.52 4.79
CA ILE A 165 -25.02 -5.71 5.56
C ILE A 165 -26.23 -5.24 4.75
N ARG A 166 -26.12 -4.05 4.17
CA ARG A 166 -27.15 -3.51 3.29
C ARG A 166 -27.40 -4.44 2.08
N MET A 167 -26.34 -5.07 1.57
CA MET A 167 -26.47 -6.05 0.48
C MET A 167 -27.30 -7.27 0.88
N LEU A 168 -26.96 -7.89 2.01
CA LEU A 168 -27.73 -9.00 2.58
C LEU A 168 -29.20 -8.66 2.80
N ILE A 169 -29.46 -7.51 3.42
CA ILE A 169 -30.83 -7.05 3.67
C ILE A 169 -31.56 -6.81 2.34
N ASN A 170 -30.89 -6.16 1.39
CA ASN A 170 -31.46 -5.93 0.06
C ASN A 170 -31.81 -7.23 -0.66
N GLN A 171 -30.93 -8.22 -0.57
CA GLN A 171 -31.19 -9.50 -1.21
C GLN A 171 -32.45 -10.16 -0.63
N HIS A 172 -32.53 -10.24 0.70
CA HIS A 172 -33.67 -10.89 1.35
C HIS A 172 -35.00 -10.17 1.11
N THR A 173 -35.00 -8.85 1.21
CA THR A 173 -36.24 -8.08 1.09
C THR A 173 -36.76 -7.98 -0.34
N LEU A 174 -35.85 -7.93 -1.31
CA LEU A 174 -36.26 -7.85 -2.71
C LEU A 174 -36.82 -9.19 -3.21
N ILE A 175 -36.27 -10.29 -2.71
CA ILE A 175 -36.74 -11.63 -3.10
C ILE A 175 -38.01 -12.01 -2.36
N PHE A 176 -38.08 -11.68 -1.07
CA PHE A 176 -39.15 -12.19 -0.21
C PHE A 176 -40.17 -11.14 0.26
N ASP A 177 -40.17 -9.98 -0.37
CA ASP A 177 -41.12 -8.91 -0.06
C ASP A 177 -41.50 -8.12 -1.31
N PRO A 185 -39.05 -6.99 -13.37
CA PRO A 185 -37.59 -6.99 -13.38
C PRO A 185 -36.98 -8.40 -13.44
N LYS A 186 -35.87 -8.52 -14.17
CA LYS A 186 -35.14 -9.78 -14.31
C LYS A 186 -34.03 -9.95 -13.26
N HIS A 187 -33.96 -9.01 -12.33
CA HIS A 187 -32.93 -9.02 -11.28
C HIS A 187 -33.19 -10.14 -10.27
N ILE A 188 -32.11 -10.68 -9.71
CA ILE A 188 -32.18 -11.65 -8.62
C ILE A 188 -31.82 -10.88 -7.35
N GLY A 189 -32.83 -10.22 -6.78
CA GLY A 189 -32.61 -9.25 -5.73
C GLY A 189 -32.11 -7.97 -6.36
N SER A 190 -30.92 -7.55 -5.96
CA SER A 190 -30.30 -6.34 -6.50
C SER A 190 -29.33 -6.67 -7.64
N ILE A 191 -29.20 -7.95 -7.95
CA ILE A 191 -28.25 -8.44 -8.94
C ILE A 191 -28.86 -8.65 -10.32
N ASP A 192 -28.30 -7.96 -11.30
CA ASP A 192 -28.64 -8.14 -12.70
C ASP A 192 -27.69 -9.17 -13.32
N PRO A 193 -28.24 -10.35 -13.74
CA PRO A 193 -27.42 -11.39 -14.39
C PRO A 193 -26.82 -10.95 -15.72
N ASN A 194 -27.46 -9.99 -16.37
CA ASN A 194 -27.00 -9.48 -17.66
C ASN A 194 -26.84 -7.97 -17.71
N CYS A 195 -26.07 -7.46 -16.77
CA CYS A 195 -25.87 -6.03 -16.65
C CYS A 195 -25.03 -5.48 -17.81
N SER A 196 -25.65 -4.59 -18.59
CA SER A 196 -24.97 -3.90 -19.67
C SER A 196 -24.12 -2.76 -19.11
N VAL A 197 -22.81 -2.97 -19.07
CA VAL A 197 -21.87 -1.99 -18.53
C VAL A 197 -22.08 -0.61 -19.17
N SER A 198 -22.12 -0.56 -20.51
CA SER A 198 -22.35 0.69 -21.23
C SER A 198 -23.66 1.44 -20.90
N ASP A 199 -24.75 0.69 -20.68
CA ASP A 199 -26.02 1.32 -20.27
C ASP A 199 -25.87 2.03 -18.92
N VAL A 200 -25.22 1.38 -17.97
CA VAL A 200 -24.92 1.98 -16.67
C VAL A 200 -24.02 3.21 -16.82
N VAL A 201 -23.02 3.12 -17.69
CA VAL A 201 -22.14 4.25 -18.01
C VAL A 201 -22.94 5.42 -18.57
N LYS A 202 -23.85 5.13 -19.49
CA LYS A 202 -24.72 6.16 -20.10
C LYS A 202 -25.65 6.81 -19.07
N ASP A 203 -26.22 6.02 -18.18
CA ASP A 203 -27.12 6.53 -17.13
C ASP A 203 -26.38 7.45 -16.16
N ALA A 204 -25.23 6.98 -15.67
CA ALA A 204 -24.40 7.75 -14.75
C ALA A 204 -23.99 9.07 -15.37
N TYR A 205 -23.55 9.02 -16.63
CA TYR A 205 -23.21 10.20 -17.40
C TYR A 205 -24.37 11.18 -17.54
N ASP A 206 -25.53 10.68 -17.97
CA ASP A 206 -26.72 11.51 -18.20
C ASP A 206 -27.13 12.27 -16.96
N MET A 207 -27.11 11.60 -15.81
CA MET A 207 -27.46 12.23 -14.54
C MET A 207 -26.43 13.28 -14.12
N ALA A 208 -25.15 12.96 -14.28
CA ALA A 208 -24.08 13.91 -13.96
C ALA A 208 -24.08 15.09 -14.92
N LYS A 209 -24.25 14.81 -16.22
CA LYS A 209 -24.35 15.84 -17.25
C LYS A 209 -25.44 16.84 -16.89
N LEU A 210 -26.58 16.30 -16.46
CA LEU A 210 -27.73 17.08 -16.04
C LEU A 210 -27.42 18.02 -14.88
N LEU A 211 -26.69 17.53 -13.88
CA LEU A 211 -26.32 18.36 -12.74
C LEU A 211 -25.28 19.41 -13.12
N CYS A 212 -24.35 19.02 -14.01
CA CYS A 212 -23.30 19.90 -14.50
C CYS A 212 -23.87 21.03 -15.35
N ASP A 213 -24.70 20.68 -16.33
CA ASP A 213 -25.30 21.64 -17.26
C ASP A 213 -26.25 22.62 -16.57
N LYS A 214 -26.55 22.37 -15.29
CA LYS A 214 -27.39 23.26 -14.50
C LYS A 214 -26.60 24.02 -13.42
N TYR A 215 -25.42 23.52 -13.07
CA TYR A 215 -24.56 24.16 -12.05
C TYR A 215 -23.39 24.94 -12.69
N TYR A 216 -23.21 24.76 -14.00
CA TYR A 216 -22.20 25.50 -14.78
C TYR A 216 -22.79 26.08 -16.06
N MET A 217 -23.88 25.47 -16.53
CA MET A 217 -24.50 25.81 -17.82
C MET A 217 -23.64 25.36 -19.01
N ALA A 218 -22.73 24.43 -18.73
CA ALA A 218 -21.87 23.82 -19.74
C ALA A 218 -21.50 22.43 -19.26
N SER A 219 -21.35 21.50 -20.22
CA SER A 219 -21.02 20.10 -19.91
C SER A 219 -20.27 19.43 -21.05
N PRO A 220 -19.27 18.60 -20.71
CA PRO A 220 -18.52 17.78 -21.67
C PRO A 220 -19.37 16.69 -22.31
N ASP A 221 -19.03 16.33 -23.55
CA ASP A 221 -19.65 15.18 -24.22
C ASP A 221 -19.04 13.86 -23.73
N LEU A 222 -19.68 12.77 -24.11
CA LEU A 222 -19.25 11.42 -23.75
C LEU A 222 -18.83 10.64 -24.97
N GLU A 223 -17.72 9.93 -24.86
CA GLU A 223 -17.31 8.95 -25.86
C GLU A 223 -17.13 7.61 -25.16
N ILE A 224 -17.72 6.56 -25.72
CA ILE A 224 -17.56 5.20 -25.22
C ILE A 224 -16.96 4.31 -26.31
N GLN A 225 -15.96 3.52 -25.91
CA GLN A 225 -15.44 2.45 -26.73
C GLN A 225 -15.44 1.18 -25.89
N GLU A 226 -15.66 0.04 -26.53
CA GLU A 226 -15.60 -1.26 -25.87
C GLU A 226 -14.57 -2.13 -26.57
N VAL A 227 -13.77 -2.87 -25.80
CA VAL A 227 -12.88 -3.87 -26.35
C VAL A 227 -13.17 -5.17 -25.63
N ASN A 228 -13.94 -6.04 -26.27
CA ASN A 228 -14.28 -7.33 -25.69
C ASN A 228 -13.31 -8.35 -26.27
N ALA A 229 -12.30 -8.71 -25.49
CA ALA A 229 -11.26 -9.64 -25.95
C ALA A 229 -11.72 -11.09 -25.94
N THR A 230 -12.72 -11.39 -25.11
CA THR A 230 -13.25 -12.75 -25.02
C THR A 230 -14.10 -13.12 -26.23
N ASN A 231 -14.77 -12.11 -26.81
CA ASN A 231 -15.62 -12.25 -28.00
C ASN A 231 -15.72 -10.89 -28.68
N ALA A 232 -14.93 -10.70 -29.73
CA ALA A 232 -14.71 -9.40 -30.37
C ALA A 232 -15.98 -8.64 -30.76
N THR A 233 -17.05 -9.34 -31.06
CA THR A 233 -18.28 -8.69 -31.52
C THR A 233 -19.48 -8.77 -30.56
N GLN A 234 -19.22 -8.95 -29.27
CA GLN A 234 -20.28 -8.99 -28.27
C GLN A 234 -20.19 -7.81 -27.31
N PRO A 235 -21.29 -7.04 -27.16
CA PRO A 235 -21.36 -6.00 -26.13
C PRO A 235 -21.00 -6.59 -24.78
N ILE A 236 -20.28 -5.82 -23.99
CA ILE A 236 -19.77 -6.29 -22.73
C ILE A 236 -20.88 -6.28 -21.68
N HIS A 237 -21.16 -7.46 -21.15
CA HIS A 237 -22.12 -7.67 -20.07
C HIS A 237 -21.45 -8.40 -18.91
N MET A 238 -22.09 -8.33 -17.73
CA MET A 238 -21.55 -9.00 -16.55
C MET A 238 -22.64 -9.24 -15.50
N VAL A 239 -22.34 -10.11 -14.53
CA VAL A 239 -23.18 -10.27 -13.36
C VAL A 239 -22.72 -9.23 -12.36
N TYR A 240 -23.59 -8.27 -12.07
CA TYR A 240 -23.25 -7.25 -11.09
C TYR A 240 -24.48 -6.59 -10.47
N VAL A 241 -24.25 -5.85 -9.39
CA VAL A 241 -25.27 -5.01 -8.77
C VAL A 241 -25.17 -3.64 -9.44
N PRO A 242 -26.11 -3.31 -10.34
CA PRO A 242 -26.03 -2.11 -11.17
C PRO A 242 -25.94 -0.81 -10.39
N SER A 243 -26.64 -0.74 -9.25
CA SER A 243 -26.61 0.47 -8.41
C SER A 243 -25.21 0.73 -7.84
N HIS A 244 -24.48 -0.34 -7.54
CA HIS A 244 -23.09 -0.25 -7.09
C HIS A 244 -22.21 0.36 -8.17
N LEU A 245 -22.32 -0.18 -9.39
CA LEU A 245 -21.59 0.32 -10.55
C LEU A 245 -21.99 1.76 -10.90
N TYR A 246 -23.29 2.04 -10.86
CA TYR A 246 -23.80 3.38 -11.08
C TYR A 246 -23.24 4.39 -10.06
N HIS A 247 -23.18 4.00 -8.79
CA HIS A 247 -22.65 4.87 -7.73
C HIS A 247 -21.22 5.32 -8.05
N MET A 248 -20.36 4.36 -8.38
CA MET A 248 -18.96 4.61 -8.71
C MET A 248 -18.80 5.54 -9.91
N LEU A 249 -19.52 5.22 -10.99
CA LEU A 249 -19.43 5.97 -12.23
C LEU A 249 -20.00 7.38 -12.11
N PHE A 250 -21.11 7.50 -11.40
CA PHE A 250 -21.75 8.79 -11.12
C PHE A 250 -20.78 9.74 -10.40
N GLU A 251 -20.15 9.23 -9.35
CA GLU A 251 -19.14 9.99 -8.61
C GLU A 251 -17.96 10.40 -9.50
N LEU A 252 -17.46 9.47 -10.31
CA LEU A 252 -16.33 9.76 -11.18
C LEU A 252 -16.68 10.76 -12.27
N PHE A 253 -17.86 10.61 -12.87
CA PHE A 253 -18.37 11.54 -13.88
C PHE A 253 -18.49 12.97 -13.39
N LYS A 254 -19.03 13.15 -12.18
CA LYS A 254 -19.15 14.48 -11.59
C LYS A 254 -17.79 15.15 -11.41
N ASN A 255 -16.82 14.43 -10.84
CA ASN A 255 -15.45 14.93 -10.66
C ASN A 255 -14.80 15.32 -11.99
N ALA A 256 -14.94 14.46 -12.99
CA ALA A 256 -14.37 14.67 -14.32
C ALA A 256 -15.03 15.84 -15.07
N MET A 257 -16.32 16.06 -14.79
CA MET A 257 -17.06 17.19 -15.36
C MET A 257 -16.71 18.51 -14.69
N ARG A 258 -16.65 18.50 -13.36
CA ARG A 258 -16.19 19.67 -12.58
C ARG A 258 -14.80 20.10 -13.02
N ALA A 259 -13.87 19.14 -13.06
CA ALA A 259 -12.49 19.40 -13.50
C ALA A 259 -12.42 19.95 -14.92
N THR A 260 -13.15 19.31 -15.84
CA THR A 260 -13.15 19.76 -17.24
C THR A 260 -13.71 21.18 -17.41
N VAL A 261 -14.82 21.49 -16.75
CA VAL A 261 -15.44 22.80 -16.84
C VAL A 261 -14.56 23.90 -16.22
N GLU A 262 -14.01 23.60 -15.04
CA GLU A 262 -13.26 24.61 -14.27
C GLU A 262 -11.87 24.92 -14.82
N SER A 263 -11.36 24.05 -15.68
CA SER A 263 -10.02 24.21 -16.27
C SER A 263 -10.06 24.75 -17.70
N HIS A 264 -11.27 25.00 -18.19
CA HIS A 264 -11.48 25.45 -19.57
C HIS A 264 -12.23 26.78 -19.62
N GLU A 265 -12.03 27.53 -20.70
CA GLU A 265 -12.59 28.88 -20.84
C GLU A 265 -13.75 28.94 -21.84
N SER A 266 -13.91 27.91 -22.65
CA SER A 266 -14.90 27.92 -23.73
C SER A 266 -15.91 26.77 -23.66
N SER A 267 -17.18 27.09 -23.89
CA SER A 267 -18.25 26.12 -23.89
C SER A 267 -18.29 25.30 -25.19
N LEU A 268 -17.57 25.78 -26.21
CA LEU A 268 -17.70 25.26 -27.58
C LEU A 268 -16.65 24.22 -27.92
N THR A 269 -15.64 24.11 -27.07
CA THR A 269 -14.42 23.42 -27.42
C THR A 269 -13.92 22.51 -26.29
N LEU A 270 -14.79 22.26 -25.31
CA LEU A 270 -14.39 21.51 -24.14
C LEU A 270 -14.31 20.01 -24.44
N PRO A 271 -13.18 19.37 -24.06
CA PRO A 271 -12.84 18.00 -24.41
C PRO A 271 -13.84 17.00 -23.84
N PRO A 272 -14.22 15.99 -24.63
CA PRO A 272 -15.16 15.00 -24.12
C PRO A 272 -14.54 14.14 -23.02
N ILE A 273 -15.39 13.51 -22.22
CA ILE A 273 -14.93 12.49 -21.29
C ILE A 273 -14.95 11.19 -22.08
N LYS A 274 -13.84 10.45 -22.03
CA LYS A 274 -13.72 9.22 -22.79
C LYS A 274 -13.81 8.00 -21.88
N ILE A 275 -14.66 7.06 -22.27
CA ILE A 275 -14.82 5.81 -21.56
C ILE A 275 -14.28 4.66 -22.41
N MET A 276 -13.48 3.81 -21.79
CA MET A 276 -13.05 2.57 -22.40
C MET A 276 -13.54 1.46 -21.49
N VAL A 277 -14.35 0.55 -22.03
CA VAL A 277 -14.71 -0.66 -21.34
C VAL A 277 -13.96 -1.81 -21.99
N ALA A 278 -13.20 -2.55 -21.19
CA ALA A 278 -12.46 -3.69 -21.67
C ALA A 278 -12.91 -4.93 -20.90
N LEU A 279 -13.03 -6.05 -21.62
CA LEU A 279 -13.35 -7.32 -21.00
C LEU A 279 -12.29 -8.33 -21.42
N GLY A 280 -11.67 -8.96 -20.42
CA GLY A 280 -10.70 -10.01 -20.64
C GLY A 280 -11.14 -11.27 -19.91
N GLU A 281 -10.24 -12.24 -19.84
CA GLU A 281 -10.50 -13.54 -19.22
C GLU A 281 -10.83 -13.43 -17.73
N GLU A 282 -10.29 -12.40 -17.07
CA GLU A 282 -10.35 -12.30 -15.62
C GLU A 282 -10.93 -10.96 -15.14
N ASP A 283 -10.62 -9.88 -15.85
CA ASP A 283 -10.96 -8.53 -15.42
C ASP A 283 -11.98 -7.87 -16.35
N LEU A 284 -12.88 -7.09 -15.77
CA LEU A 284 -13.65 -6.12 -16.53
C LEU A 284 -13.19 -4.74 -16.07
N SER A 285 -12.62 -3.98 -16.99
CA SER A 285 -12.02 -2.70 -16.68
C SER A 285 -12.79 -1.57 -17.34
N ILE A 286 -13.04 -0.51 -16.59
CA ILE A 286 -13.68 0.68 -17.13
C ILE A 286 -12.75 1.85 -16.87
N LYS A 287 -12.22 2.44 -17.93
CA LYS A 287 -11.40 3.64 -17.76
C LYS A 287 -12.17 4.88 -18.16
N MET A 288 -12.19 5.87 -17.26
CA MET A 288 -12.74 7.19 -17.54
C MET A 288 -11.57 8.16 -17.66
N SER A 289 -11.43 8.79 -18.82
CA SER A 289 -10.37 9.78 -19.03
C SER A 289 -10.99 11.15 -19.24
N ASP A 290 -10.53 12.13 -18.46
CA ASP A 290 -10.90 13.52 -18.66
C ASP A 290 -9.65 14.35 -18.96
N ARG A 291 -9.85 15.48 -19.63
CA ARG A 291 -8.76 16.43 -19.85
C ARG A 291 -9.03 17.66 -18.98
N GLY A 292 -9.34 17.38 -17.71
CA GLY A 292 -9.69 18.41 -16.75
C GLY A 292 -8.52 19.11 -16.07
N GLY A 293 -7.32 18.97 -16.62
CA GLY A 293 -6.15 19.66 -16.09
C GLY A 293 -5.30 18.89 -15.08
N GLY A 294 -5.84 17.77 -14.59
CA GLY A 294 -5.10 16.88 -13.68
C GLY A 294 -4.87 17.41 -12.28
N VAL A 295 -4.20 16.60 -11.45
CA VAL A 295 -3.80 17.02 -10.11
C VAL A 295 -2.43 16.41 -9.75
N PRO A 296 -1.62 17.13 -8.95
CA PRO A 296 -0.32 16.61 -8.56
C PRO A 296 -0.45 15.29 -7.82
N LEU A 297 0.55 14.42 -7.97
CA LEU A 297 0.55 13.10 -7.33
C LEU A 297 0.45 13.21 -5.81
N ARG A 298 1.09 14.21 -5.23
CA ARG A 298 0.99 14.50 -3.79
C ARG A 298 -0.46 14.49 -3.31
N LYS A 299 -1.37 15.01 -4.12
CA LYS A 299 -2.76 15.21 -3.72
C LYS A 299 -3.66 13.99 -3.95
N ILE A 300 -3.23 13.06 -4.80
CA ILE A 300 -4.01 11.85 -5.12
C ILE A 300 -4.31 10.98 -3.90
N GLU A 301 -3.30 10.69 -3.09
CA GLU A 301 -3.44 9.85 -1.89
C GLU A 301 -4.36 10.48 -0.87
N ARG A 302 -4.45 11.80 -0.91
CA ARG A 302 -5.31 12.59 -0.04
C ARG A 302 -6.79 12.42 -0.40
N LEU A 303 -7.06 12.05 -1.66
CA LEU A 303 -8.44 11.94 -2.17
C LEU A 303 -9.21 10.74 -1.63
N PHE A 304 -8.47 9.73 -1.16
CA PHE A 304 -9.09 8.55 -0.56
C PHE A 304 -9.01 8.54 0.96
N SER A 305 -8.45 9.59 1.55
CA SER A 305 -8.44 9.71 2.99
C SER A 305 -9.74 10.39 3.45
N TYR A 306 -10.29 9.92 4.55
CA TYR A 306 -11.53 10.48 5.09
C TYR A 306 -11.31 11.77 5.89
N MET A 307 -10.15 11.88 6.54
CA MET A 307 -9.84 13.04 7.37
C MET A 307 -9.63 14.30 6.52
N TYR A 308 -8.83 14.17 5.46
CA TYR A 308 -8.58 15.27 4.52
C TYR A 308 -9.83 15.69 3.76
N SER A 309 -10.69 14.73 3.44
CA SER A 309 -11.94 15.00 2.70
C SER A 309 -13.13 15.33 3.60
N THR A 310 -12.89 16.21 4.58
CA THR A 310 -13.94 16.75 5.44
C THR A 310 -13.60 18.20 5.79
N ALA A 311 -14.27 19.14 5.12
CA ALA A 311 -13.99 20.57 5.27
C ALA A 311 -14.59 21.15 6.56
N PRO A 312 -13.83 22.01 7.26
CA PRO A 312 -12.47 22.43 6.93
C PRO A 312 -11.41 21.54 7.57
N GLY A 327 -17.71 15.01 1.20
CA GLY A 327 -16.81 14.67 0.12
C GLY A 327 -16.22 13.27 0.24
N TYR A 328 -17.02 12.34 0.74
CA TYR A 328 -16.61 10.93 0.89
C TYR A 328 -16.87 10.11 -0.37
N GLY A 329 -17.31 10.78 -1.43
CA GLY A 329 -17.65 10.14 -2.71
C GLY A 329 -16.59 9.21 -3.27
N LEU A 330 -15.33 9.64 -3.22
CA LEU A 330 -14.24 8.86 -3.79
C LEU A 330 -13.83 7.62 -2.98
N PRO A 331 -13.46 7.79 -1.68
CA PRO A 331 -13.13 6.60 -0.91
C PRO A 331 -14.26 5.57 -0.82
N ILE A 332 -15.51 6.04 -0.79
CA ILE A 332 -16.69 5.16 -0.75
C ILE A 332 -16.94 4.43 -2.09
N SER A 333 -16.75 5.12 -3.21
CA SER A 333 -16.84 4.49 -4.53
C SER A 333 -15.80 3.39 -4.68
N ARG A 334 -14.61 3.64 -4.14
CA ARG A 334 -13.54 2.65 -4.14
C ARG A 334 -13.93 1.40 -3.34
N LEU A 335 -14.56 1.61 -2.17
CA LEU A 335 -15.04 0.49 -1.36
C LEU A 335 -16.08 -0.37 -2.09
N TYR A 336 -16.99 0.28 -2.83
CA TYR A 336 -17.93 -0.44 -3.70
C TYR A 336 -17.20 -1.30 -4.72
N ALA A 337 -16.14 -0.77 -5.32
CA ALA A 337 -15.31 -1.56 -6.25
C ALA A 337 -14.64 -2.72 -5.52
N LYS A 338 -14.04 -2.44 -4.36
CA LYS A 338 -13.35 -3.46 -3.56
C LYS A 338 -14.25 -4.55 -2.98
N TYR A 339 -15.53 -4.25 -2.80
CA TYR A 339 -16.46 -5.15 -2.14
C TYR A 339 -16.59 -6.52 -2.82
N PHE A 340 -16.56 -6.56 -4.15
CA PHE A 340 -16.54 -7.83 -4.88
C PHE A 340 -15.16 -8.14 -5.50
N GLN A 341 -14.10 -7.78 -4.78
CA GLN A 341 -12.69 -8.10 -5.16
C GLN A 341 -12.16 -7.26 -6.32
N GLY A 342 -12.77 -6.11 -6.56
CA GLY A 342 -12.26 -5.17 -7.54
C GLY A 342 -11.45 -4.06 -6.90
N ASP A 343 -11.31 -2.95 -7.62
CA ASP A 343 -10.57 -1.80 -7.14
C ASP A 343 -10.95 -0.58 -7.96
N LEU A 344 -10.57 0.59 -7.46
CA LEU A 344 -10.76 1.82 -8.17
C LEU A 344 -9.49 2.64 -8.01
N GLN A 345 -8.85 2.92 -9.14
CA GLN A 345 -7.56 3.60 -9.13
C GLN A 345 -7.58 4.88 -9.94
N LEU A 346 -6.90 5.89 -9.42
CA LEU A 346 -6.74 7.17 -10.11
C LEU A 346 -5.29 7.35 -10.52
N PHE A 347 -5.09 7.79 -11.76
CA PHE A 347 -3.80 8.30 -12.16
C PHE A 347 -3.93 9.56 -12.99
N SER A 348 -3.37 10.63 -12.45
CA SER A 348 -3.51 11.93 -13.04
C SER A 348 -2.21 12.31 -13.72
N MET A 349 -2.29 13.29 -14.59
CA MET A 349 -1.11 13.93 -15.14
C MET A 349 -1.31 15.42 -15.00
N GLU A 350 -0.70 16.01 -13.96
CA GLU A 350 -0.88 17.42 -13.69
C GLU A 350 -0.60 18.26 -14.93
N GLY A 351 -1.54 19.12 -15.28
CA GLY A 351 -1.44 19.96 -16.47
C GLY A 351 -2.19 19.40 -17.68
N PHE A 352 -2.55 18.12 -17.63
CA PHE A 352 -3.24 17.47 -18.73
C PHE A 352 -4.64 16.97 -18.37
N GLY A 353 -4.72 16.07 -17.39
CA GLY A 353 -5.98 15.41 -17.05
C GLY A 353 -5.78 14.13 -16.27
N THR A 354 -6.87 13.42 -16.04
CA THR A 354 -6.90 12.27 -15.12
C THR A 354 -7.56 11.06 -15.77
N ASP A 355 -6.95 9.89 -15.57
CA ASP A 355 -7.62 8.62 -15.84
C ASP A 355 -8.11 8.01 -14.53
N ALA A 356 -9.35 7.55 -14.53
CA ALA A 356 -9.92 6.83 -13.42
C ALA A 356 -10.31 5.44 -13.93
N VAL A 357 -9.84 4.41 -13.23
CA VAL A 357 -10.17 3.07 -13.67
C VAL A 357 -10.84 2.22 -12.57
N ILE A 358 -12.01 1.70 -12.93
CA ILE A 358 -12.69 0.73 -12.11
C ILE A 358 -12.28 -0.66 -12.59
N TYR A 359 -11.80 -1.47 -11.67
CA TYR A 359 -11.54 -2.90 -11.94
C TYR A 359 -12.59 -3.76 -11.29
N LEU A 360 -13.24 -4.60 -12.10
CA LEU A 360 -14.26 -5.53 -11.63
C LEU A 360 -13.83 -6.95 -12.00
N LYS A 361 -14.21 -7.94 -11.21
CA LYS A 361 -14.04 -9.33 -11.63
C LYS A 361 -15.01 -9.64 -12.76
N ALA A 362 -14.50 -10.26 -13.82
CA ALA A 362 -15.31 -10.67 -14.96
C ALA A 362 -16.21 -11.87 -14.65
N LEU A 363 -15.83 -12.66 -13.65
CA LEU A 363 -16.53 -13.91 -13.33
C LEU A 363 -17.24 -13.83 -12.00
N SER A 364 -18.47 -14.34 -11.95
CA SER A 364 -19.29 -14.29 -10.73
C SER A 364 -18.74 -15.18 -9.61
N THR A 365 -17.92 -16.15 -9.98
CA THR A 365 -17.25 -17.04 -9.05
C THR A 365 -16.09 -16.34 -8.34
N ASP A 366 -15.49 -15.36 -9.02
CA ASP A 366 -14.40 -14.57 -8.45
C ASP A 366 -14.89 -13.32 -7.73
N SER A 367 -16.11 -12.89 -8.06
CA SER A 367 -16.73 -11.74 -7.41
C SER A 367 -17.23 -12.14 -6.02
N VAL A 368 -16.33 -12.12 -5.04
CA VAL A 368 -16.64 -12.55 -3.68
C VAL A 368 -16.64 -11.35 -2.71
N GLU A 369 -17.51 -11.42 -1.69
CA GLU A 369 -17.60 -10.38 -0.66
C GLU A 369 -16.27 -10.13 0.04
N ARG A 370 -15.89 -8.86 0.11
CA ARG A 370 -14.71 -8.44 0.86
C ARG A 370 -15.17 -7.90 2.22
N LEU A 371 -14.99 -8.71 3.26
CA LEU A 371 -15.52 -8.41 4.58
C LEU A 371 -14.39 -8.34 5.60
N PRO A 372 -14.44 -7.33 6.48
CA PRO A 372 -13.52 -7.28 7.61
C PRO A 372 -13.89 -8.31 8.68
N VAL A 373 -12.88 -8.95 9.26
CA VAL A 373 -13.04 -9.79 10.46
C VAL A 373 -12.42 -9.06 11.65
N TYR A 374 -13.06 -9.16 12.80
CA TYR A 374 -12.43 -8.74 14.04
C TYR A 374 -11.68 -9.93 14.63
N ASN A 375 -10.38 -9.78 14.79
CA ASN A 375 -9.58 -10.77 15.48
C ASN A 375 -8.47 -10.07 16.22
N LYS A 376 -7.49 -10.82 16.70
CA LYS A 376 -6.31 -10.24 17.35
C LYS A 376 -5.50 -9.41 16.37
N SER A 377 -5.50 -9.84 15.10
CA SER A 377 -4.82 -9.11 14.03
C SER A 377 -5.43 -7.73 13.79
N ALA A 378 -6.77 -7.65 13.77
CA ALA A 378 -7.49 -6.39 13.64
C ALA A 378 -7.27 -5.53 14.88
N TRP A 379 -7.29 -6.17 16.05
CA TRP A 379 -7.03 -5.50 17.32
C TRP A 379 -5.68 -4.78 17.31
N ARG A 380 -4.64 -5.47 16.82
CA ARG A 380 -3.28 -4.91 16.76
C ARG A 380 -3.19 -3.58 16.01
N HIS A 381 -4.02 -3.43 14.97
CA HIS A 381 -4.03 -2.20 14.16
C HIS A 381 -4.49 -0.96 14.94
N TYR A 382 -5.18 -1.16 16.05
CA TYR A 382 -5.61 -0.06 16.91
C TYR A 382 -4.63 0.19 18.06
N GLN A 383 -3.54 -0.56 18.08
CA GLN A 383 -2.53 -0.43 19.13
C GLN A 383 -1.24 0.17 18.57
N THR A 384 -1.37 0.93 17.50
CA THR A 384 -0.23 1.60 16.87
C THR A 384 0.20 2.81 17.68
N ILE A 385 1.49 3.13 17.61
CA ILE A 385 2.06 4.30 18.28
C ILE A 385 2.96 5.08 17.33
N GLN A 386 3.19 6.35 17.64
CA GLN A 386 4.11 7.20 16.88
C GLN A 386 5.50 6.57 16.84
N GLU A 387 6.01 6.37 15.64
CA GLU A 387 7.33 5.77 15.46
C GLU A 387 8.24 6.69 14.64
N ALA A 388 9.55 6.47 14.77
CA ALA A 388 10.56 7.30 14.12
C ALA A 388 10.34 7.52 12.62
N GLY A 389 10.13 6.42 11.89
CA GLY A 389 10.12 6.47 10.44
C GLY A 389 11.40 5.82 9.92
N ASP A 390 11.24 4.86 9.02
CA ASP A 390 12.37 4.07 8.54
C ASP A 390 13.03 4.66 7.27
N TRP A 391 12.58 5.84 6.87
CA TRP A 391 13.17 6.56 5.74
C TRP A 391 13.60 7.97 6.16
N CYS A 392 14.72 8.43 5.61
CA CYS A 392 15.26 9.77 5.92
C CYS A 392 14.31 10.89 5.50
N VAL A 393 14.19 11.90 6.37
CA VAL A 393 13.45 13.11 6.05
C VAL A 393 14.46 14.24 5.92
N PRO A 394 14.33 15.07 4.86
CA PRO A 394 15.27 16.17 4.71
C PRO A 394 14.96 17.30 5.68
N SER A 395 15.96 18.14 5.94
CA SER A 395 15.77 19.37 6.70
C SER A 395 14.84 20.30 5.92
N THR A 396 14.05 21.07 6.66
CA THR A 396 13.23 22.13 6.05
C THR A 396 14.11 23.33 5.70
N GLU A 397 15.29 23.39 6.31
CA GLU A 397 16.31 24.40 6.00
C GLU A 397 17.60 23.71 5.56
N PRO A 398 17.62 23.13 4.35
CA PRO A 398 18.77 22.32 3.90
C PRO A 398 20.04 23.14 3.68
N LYS A 399 21.18 22.54 4.01
CA LYS A 399 22.48 23.22 3.95
C LYS A 399 22.74 23.88 2.60
N ASN A 400 23.09 25.16 2.65
CA ASN A 400 23.53 25.87 1.47
C ASN A 400 24.87 25.29 1.01
N THR A 401 24.86 24.70 -0.18
CA THR A 401 26.07 24.12 -0.77
C THR A 401 26.78 25.17 -1.64
N SER A 402 26.22 26.38 -1.63
CA SER A 402 26.78 27.60 -2.26
C SER A 402 26.31 27.79 -3.70
N SER B 12 40.96 -1.45 11.07
CA SER B 12 41.19 -2.92 11.26
C SER B 12 39.97 -3.71 10.81
N LEU B 13 40.20 -4.82 10.10
CA LEU B 13 39.12 -5.73 9.69
C LEU B 13 38.37 -6.30 10.91
N ALA B 14 39.12 -6.59 11.97
CA ALA B 14 38.55 -7.05 13.24
C ALA B 14 37.59 -6.05 13.88
N GLY B 15 37.87 -4.76 13.72
CA GLY B 15 37.04 -3.69 14.32
C GLY B 15 35.82 -3.31 13.50
N ALA B 16 35.63 -3.97 12.36
CA ALA B 16 34.51 -3.69 11.46
C ALA B 16 33.14 -3.59 12.16
N PRO B 17 32.78 -4.57 13.04
CA PRO B 17 31.47 -4.52 13.70
C PRO B 17 31.21 -3.30 14.59
N LYS B 18 32.28 -2.66 15.06
CA LYS B 18 32.17 -1.46 15.88
C LYS B 18 32.09 -0.20 15.02
N TYR B 19 32.78 -0.20 13.89
CA TYR B 19 32.68 0.86 12.90
C TYR B 19 31.26 0.91 12.30
N ILE B 20 30.67 -0.26 12.11
CA ILE B 20 29.25 -0.40 11.72
C ILE B 20 28.34 0.21 12.78
N GLU B 21 28.59 -0.13 14.05
CA GLU B 21 27.82 0.41 15.17
C GLU B 21 27.90 1.92 15.24
N HIS B 22 29.11 2.45 15.11
CA HIS B 22 29.35 3.90 15.14
C HIS B 22 28.60 4.63 14.03
N PHE B 23 28.73 4.15 12.79
CA PHE B 23 28.20 4.86 11.64
C PHE B 23 26.72 4.58 11.34
N SER B 24 26.26 3.39 11.69
CA SER B 24 24.85 3.03 11.57
C SER B 24 24.01 3.76 12.61
N LYS B 25 24.66 4.38 13.59
CA LYS B 25 23.99 5.14 14.63
C LYS B 25 23.56 6.51 14.08
N PHE B 26 24.26 6.96 13.04
CA PHE B 26 23.98 8.25 12.40
C PHE B 26 22.91 8.12 11.31
N SER B 27 22.22 9.21 11.04
CA SER B 27 21.26 9.24 9.95
C SER B 27 21.94 9.73 8.67
N PRO B 28 21.67 9.06 7.53
CA PRO B 28 22.14 9.56 6.25
C PRO B 28 21.60 10.96 5.98
N SER B 29 22.30 11.71 5.13
CA SER B 29 21.93 13.08 4.81
C SER B 29 21.36 13.13 3.40
N PRO B 30 20.02 13.24 3.27
CA PRO B 30 19.43 13.31 1.94
C PRO B 30 19.65 14.68 1.28
N LEU B 31 20.16 14.67 0.06
CA LEU B 31 20.46 15.89 -0.68
C LEU B 31 19.41 16.13 -1.77
N SER B 32 19.15 17.42 -2.05
CA SER B 32 18.31 17.79 -3.19
C SER B 32 19.14 17.94 -4.45
N MET B 33 18.47 17.94 -5.60
CA MET B 33 19.15 18.14 -6.88
C MET B 33 19.61 19.60 -7.02
N LYS B 34 18.93 20.50 -6.32
CA LYS B 34 19.34 21.89 -6.19
C LYS B 34 20.71 21.98 -5.51
N GLN B 35 20.86 21.29 -4.38
CA GLN B 35 22.13 21.23 -3.65
C GLN B 35 23.26 20.67 -4.51
N PHE B 36 23.01 19.55 -5.18
CA PHE B 36 23.98 18.98 -6.14
C PHE B 36 24.37 20.02 -7.18
N LEU B 37 23.36 20.73 -7.70
CA LEU B 37 23.55 21.71 -8.77
C LEU B 37 24.26 22.97 -8.28
N ASP B 38 23.88 23.45 -7.09
CA ASP B 38 24.53 24.60 -6.47
C ASP B 38 25.98 24.30 -6.08
N PHE B 39 26.24 23.06 -5.66
CA PHE B 39 27.59 22.65 -5.32
C PHE B 39 28.47 22.51 -6.56
N GLY B 40 28.07 21.61 -7.47
CA GLY B 40 28.89 21.27 -8.63
C GLY B 40 29.14 22.39 -9.63
N SER B 41 28.35 23.46 -9.54
CA SER B 41 28.51 24.61 -10.44
C SER B 41 29.15 25.83 -9.76
N SER B 42 28.98 25.95 -8.44
CA SER B 42 29.65 27.00 -7.67
C SER B 42 30.93 26.45 -7.03
N ASN B 43 30.79 25.36 -6.27
CA ASN B 43 31.93 24.72 -5.61
C ASN B 43 32.63 23.67 -6.47
N ALA B 44 33.71 24.10 -7.12
CA ALA B 44 34.71 23.17 -7.63
C ALA B 44 35.55 22.77 -6.42
N CYS B 45 34.92 22.77 -5.24
CA CYS B 45 35.63 22.56 -3.97
C CYS B 45 35.72 21.08 -3.61
N GLU B 46 36.85 20.49 -3.97
CA GLU B 46 37.12 19.08 -3.74
C GLU B 46 37.22 18.75 -2.24
N LYS B 47 37.69 19.70 -1.45
CA LYS B 47 37.82 19.54 0.00
C LYS B 47 36.46 19.36 0.68
N THR B 48 35.50 20.18 0.29
CA THR B 48 34.15 20.11 0.85
C THR B 48 33.45 18.81 0.48
N SER B 49 33.68 18.33 -0.74
CA SER B 49 33.14 17.06 -1.18
C SER B 49 33.82 15.89 -0.47
N PHE B 50 35.15 15.92 -0.41
CA PHE B 50 35.93 14.93 0.33
C PHE B 50 35.49 14.79 1.78
N THR B 51 35.37 15.93 2.48
CA THR B 51 34.99 15.90 3.91
C THR B 51 33.53 15.51 4.14
N PHE B 52 32.64 15.82 3.19
CA PHE B 52 31.27 15.32 3.25
C PHE B 52 31.27 13.80 3.04
N LEU B 53 31.86 13.36 1.93
CA LEU B 53 31.79 11.97 1.48
C LEU B 53 32.57 10.96 2.32
N ARG B 54 33.63 11.41 2.99
CA ARG B 54 34.40 10.51 3.86
C ARG B 54 33.64 10.16 5.13
N GLN B 55 32.58 10.91 5.41
CA GLN B 55 31.67 10.65 6.53
C GLN B 55 30.36 10.04 6.03
N GLU B 56 29.83 10.60 4.94
CA GLU B 56 28.50 10.24 4.43
C GLU B 56 28.45 8.82 3.84
N LEU B 57 29.47 8.46 3.08
CA LEU B 57 29.55 7.12 2.50
C LEU B 57 29.66 6.00 3.55
N PRO B 58 30.54 6.14 4.56
CA PRO B 58 30.46 5.21 5.69
C PRO B 58 29.10 5.18 6.41
N VAL B 59 28.43 6.34 6.52
CA VAL B 59 27.10 6.38 7.13
C VAL B 59 26.09 5.55 6.33
N ARG B 60 26.07 5.74 5.01
CA ARG B 60 25.15 5.00 4.16
C ARG B 60 25.50 3.50 4.09
N LEU B 61 26.78 3.19 3.99
CA LEU B 61 27.22 1.80 4.01
C LEU B 61 26.82 1.11 5.31
N ALA B 62 27.19 1.68 6.45
CA ALA B 62 26.90 1.08 7.76
C ALA B 62 25.40 0.93 8.03
N ASN B 63 24.61 1.91 7.63
CA ASN B 63 23.15 1.83 7.79
C ASN B 63 22.52 0.65 7.07
N ILE B 64 22.94 0.41 5.83
CA ILE B 64 22.41 -0.71 5.06
C ILE B 64 23.01 -2.08 5.44
N MET B 65 24.30 -2.08 5.82
CA MET B 65 24.98 -3.31 6.24
C MET B 65 24.36 -3.86 7.52
N LYS B 66 23.92 -2.93 8.37
CA LYS B 66 23.17 -3.24 9.57
C LYS B 66 21.87 -4.01 9.21
N GLU B 67 21.30 -3.71 8.06
CA GLU B 67 20.10 -4.41 7.59
C GLU B 67 20.39 -5.71 6.84
N ILE B 68 21.48 -5.74 6.05
CA ILE B 68 21.92 -6.99 5.42
C ILE B 68 22.05 -8.08 6.50
N ASN B 69 22.57 -7.69 7.66
CA ASN B 69 22.75 -8.60 8.79
C ASN B 69 21.43 -8.97 9.52
N LEU B 70 20.32 -8.38 9.08
CA LEU B 70 18.99 -8.69 9.62
C LEU B 70 18.20 -9.61 8.69
N LEU B 71 18.81 -9.96 7.57
CA LEU B 71 18.24 -10.91 6.62
C LEU B 71 18.03 -12.29 7.25
N PRO B 72 17.08 -13.08 6.71
CA PRO B 72 16.97 -14.49 7.12
C PRO B 72 18.29 -15.21 6.89
N ASP B 73 18.68 -16.06 7.83
CA ASP B 73 19.94 -16.83 7.74
C ASP B 73 20.10 -17.56 6.41
N ARG B 74 18.99 -18.02 5.84
CA ARG B 74 19.02 -18.76 4.58
C ARG B 74 19.34 -17.88 3.37
N VAL B 75 18.98 -16.60 3.45
CA VAL B 75 19.34 -15.63 2.42
C VAL B 75 20.76 -15.13 2.68
N LEU B 76 21.00 -14.71 3.92
CA LEU B 76 22.28 -14.13 4.34
C LEU B 76 23.46 -15.06 4.07
N SER B 77 23.23 -16.37 4.14
CA SER B 77 24.29 -17.37 3.98
C SER B 77 24.54 -17.86 2.55
N THR B 78 23.87 -17.27 1.56
CA THR B 78 24.11 -17.65 0.16
C THR B 78 25.44 -17.04 -0.31
N PRO B 79 26.18 -17.75 -1.18
CA PRO B 79 27.49 -17.25 -1.65
C PRO B 79 27.43 -15.83 -2.23
N SER B 80 26.36 -15.51 -2.96
CA SER B 80 26.26 -14.21 -3.61
C SER B 80 26.02 -13.04 -2.66
N VAL B 81 25.19 -13.26 -1.64
CA VAL B 81 24.94 -12.24 -0.61
C VAL B 81 26.17 -12.05 0.28
N GLN B 82 26.91 -13.14 0.51
CA GLN B 82 28.18 -13.05 1.25
C GLN B 82 29.23 -12.27 0.45
N LEU B 83 29.29 -12.54 -0.85
CA LEU B 83 30.15 -11.77 -1.76
C LEU B 83 29.82 -10.25 -1.73
N VAL B 84 28.53 -9.93 -1.77
CA VAL B 84 28.09 -8.52 -1.69
C VAL B 84 28.46 -7.89 -0.35
N GLN B 85 28.11 -8.56 0.73
CA GLN B 85 28.48 -8.12 2.08
C GLN B 85 29.98 -7.85 2.22
N SER B 86 30.81 -8.73 1.67
CA SER B 86 32.26 -8.52 1.70
C SER B 86 32.70 -7.29 0.90
N TRP B 87 32.02 -7.00 -0.21
CA TRP B 87 32.27 -5.76 -0.95
C TRP B 87 32.01 -4.53 -0.08
N TYR B 88 30.90 -4.54 0.63
CA TYR B 88 30.49 -3.44 1.49
C TYR B 88 31.44 -3.24 2.67
N VAL B 89 31.90 -4.36 3.24
CA VAL B 89 32.89 -4.32 4.30
C VAL B 89 34.18 -3.65 3.80
N GLN B 90 34.66 -4.07 2.64
CA GLN B 90 35.92 -3.56 2.09
C GLN B 90 35.83 -2.09 1.70
N SER B 91 34.71 -1.69 1.12
CA SER B 91 34.48 -0.31 0.71
C SER B 91 34.44 0.64 1.91
N LEU B 92 33.74 0.21 2.97
CA LEU B 92 33.74 0.93 4.24
C LEU B 92 35.17 1.09 4.77
N LEU B 93 35.94 0.00 4.75
CA LEU B 93 37.32 0.04 5.22
C LEU B 93 38.19 0.98 4.35
N ASP B 94 37.97 0.96 3.03
CA ASP B 94 38.71 1.81 2.11
C ASP B 94 38.53 3.30 2.43
N ILE B 95 37.29 3.70 2.68
CA ILE B 95 36.96 5.10 2.96
C ILE B 95 37.41 5.53 4.37
N MET B 96 37.24 4.64 5.34
CA MET B 96 37.65 4.91 6.73
C MET B 96 39.14 5.19 6.86
N GLU B 97 39.91 4.82 5.84
CA GLU B 97 41.35 5.10 5.78
C GLU B 97 41.60 6.60 5.61
N PHE B 98 40.58 7.33 5.14
CA PHE B 98 40.67 8.76 4.85
C PHE B 98 40.16 9.65 5.98
N LEU B 99 39.67 9.05 7.04
CA LEU B 99 39.12 9.79 8.18
C LEU B 99 40.14 10.67 8.91
N ASP B 100 41.36 10.18 9.06
CA ASP B 100 42.42 10.92 9.75
C ASP B 100 43.18 11.86 8.81
N LYS B 101 42.94 11.75 7.51
CA LYS B 101 43.75 12.44 6.51
C LYS B 101 43.43 13.92 6.34
N ASP B 102 44.46 14.70 6.02
CA ASP B 102 44.37 16.15 5.87
C ASP B 102 43.71 16.52 4.53
N PRO B 103 42.55 17.20 4.57
CA PRO B 103 41.85 17.65 3.36
C PRO B 103 42.65 18.67 2.56
N GLU B 104 43.65 19.28 3.19
CA GLU B 104 44.43 20.35 2.57
C GLU B 104 45.59 19.82 1.71
N ASP B 105 45.80 18.51 1.75
CA ASP B 105 46.78 17.84 0.88
C ASP B 105 46.09 17.32 -0.37
N HIS B 106 46.66 17.63 -1.55
CA HIS B 106 46.04 17.20 -2.81
C HIS B 106 46.29 15.73 -3.14
N ARG B 107 47.35 15.16 -2.55
CA ARG B 107 47.59 13.72 -2.62
C ARG B 107 46.46 12.95 -1.96
N THR B 108 45.98 13.47 -0.83
CA THR B 108 44.81 12.93 -0.14
C THR B 108 43.59 12.90 -1.05
N LEU B 109 43.35 14.02 -1.74
CA LEU B 109 42.20 14.19 -2.61
C LEU B 109 42.28 13.31 -3.86
N SER B 110 43.48 13.21 -4.44
CA SER B 110 43.71 12.39 -5.62
C SER B 110 43.57 10.90 -5.30
N GLN B 111 43.98 10.52 -4.09
CA GLN B 111 43.89 9.14 -3.63
C GLN B 111 42.45 8.76 -3.27
N PHE B 112 41.69 9.76 -2.81
CA PHE B 112 40.28 9.55 -2.45
C PHE B 112 39.44 9.27 -3.71
N THR B 113 39.69 10.03 -4.77
CA THR B 113 39.00 9.84 -6.05
C THR B 113 39.33 8.47 -6.63
N ASP B 114 40.58 8.05 -6.49
CA ASP B 114 41.04 6.74 -6.93
C ASP B 114 40.34 5.62 -6.15
N ALA B 115 40.17 5.84 -4.85
CA ALA B 115 39.48 4.90 -3.98
C ALA B 115 37.98 4.80 -4.32
N LEU B 116 37.38 5.90 -4.77
CA LEU B 116 35.98 5.89 -5.18
C LEU B 116 35.76 5.16 -6.51
N VAL B 117 36.70 5.33 -7.44
CA VAL B 117 36.68 4.60 -8.72
C VAL B 117 36.75 3.10 -8.46
N THR B 118 37.66 2.70 -7.57
CA THR B 118 37.86 1.30 -7.18
C THR B 118 36.59 0.71 -6.55
N ILE B 119 35.99 1.45 -5.62
CA ILE B 119 34.70 1.06 -5.01
C ILE B 119 33.59 0.88 -6.05
N ARG B 120 33.50 1.83 -6.98
CA ARG B 120 32.48 1.77 -8.04
C ARG B 120 32.69 0.58 -8.98
N ASN B 121 33.95 0.29 -9.30
CA ASN B 121 34.27 -0.88 -10.12
C ASN B 121 33.96 -2.20 -9.40
N ARG B 122 34.28 -2.23 -8.10
CA ARG B 122 34.01 -3.38 -7.24
C ARG B 122 32.51 -3.69 -7.14
N HIS B 123 31.72 -2.64 -6.96
CA HIS B 123 30.27 -2.76 -6.72
C HIS B 123 29.44 -2.75 -8.00
N ASN B 124 30.11 -2.86 -9.14
CA ASN B 124 29.45 -2.68 -10.44
C ASN B 124 28.35 -3.72 -10.72
N ASP B 125 28.54 -4.93 -10.22
CA ASP B 125 27.61 -6.02 -10.44
C ASP B 125 26.79 -6.37 -9.20
N VAL B 126 26.63 -5.41 -8.29
CA VAL B 126 25.87 -5.63 -7.07
C VAL B 126 24.43 -6.06 -7.35
N VAL B 127 23.80 -5.44 -8.34
CA VAL B 127 22.40 -5.74 -8.68
C VAL B 127 22.21 -7.19 -9.13
N PRO B 128 22.91 -7.64 -10.20
CA PRO B 128 22.77 -9.05 -10.57
C PRO B 128 23.31 -10.06 -9.55
N THR B 129 24.31 -9.68 -8.75
CA THR B 129 24.85 -10.55 -7.71
C THR B 129 23.87 -10.74 -6.54
N MET B 130 23.28 -9.65 -6.05
CA MET B 130 22.22 -9.72 -5.03
C MET B 130 21.02 -10.56 -5.50
N ALA B 131 20.63 -10.37 -6.77
CA ALA B 131 19.52 -11.13 -7.37
C ALA B 131 19.86 -12.62 -7.48
N GLN B 132 21.12 -12.91 -7.76
CA GLN B 132 21.63 -14.28 -7.81
C GLN B 132 21.49 -14.94 -6.43
N GLY B 133 21.79 -14.19 -5.37
CA GLY B 133 21.66 -14.64 -4.00
C GLY B 133 20.23 -14.99 -3.62
N VAL B 134 19.30 -14.12 -4.03
CA VAL B 134 17.86 -14.35 -3.84
C VAL B 134 17.39 -15.58 -4.61
N LEU B 135 17.96 -15.78 -5.80
CA LEU B 135 17.72 -16.98 -6.61
C LEU B 135 18.29 -18.24 -5.94
N GLU B 136 19.49 -18.12 -5.36
CA GLU B 136 20.13 -19.20 -4.61
C GLU B 136 19.33 -19.57 -3.37
N TYR B 137 18.58 -18.62 -2.86
CA TYR B 137 17.67 -18.86 -1.74
C TYR B 137 16.37 -19.51 -2.23
N LYS B 138 15.81 -18.97 -3.33
CA LYS B 138 14.61 -19.51 -3.95
C LYS B 138 14.73 -20.98 -4.34
N ASP B 139 15.81 -21.32 -5.02
CA ASP B 139 16.00 -22.67 -5.56
C ASP B 139 16.69 -23.62 -4.58
N THR B 140 16.53 -23.34 -3.28
CA THR B 140 17.11 -24.16 -2.22
C THR B 140 16.16 -24.29 -1.02
N TYR B 141 15.44 -23.22 -0.70
CA TYR B 141 14.59 -23.20 0.49
C TYR B 141 13.12 -22.86 0.18
N GLY B 142 12.51 -23.69 -0.67
CA GLY B 142 11.07 -23.63 -0.96
C GLY B 142 10.37 -22.29 -0.84
N ASP B 143 9.36 -22.24 0.03
CA ASP B 143 8.53 -21.04 0.21
C ASP B 143 8.30 -20.66 1.68
N ASP B 144 8.59 -19.41 2.03
CA ASP B 144 8.30 -18.85 3.35
C ASP B 144 7.86 -17.39 3.24
N PRO B 145 6.56 -17.13 3.46
CA PRO B 145 5.92 -15.82 3.25
C PRO B 145 6.54 -14.68 4.06
N VAL B 146 6.80 -14.93 5.34
CA VAL B 146 7.39 -13.93 6.23
C VAL B 146 8.82 -13.58 5.80
N SER B 147 9.58 -14.59 5.38
CA SER B 147 10.91 -14.38 4.80
C SER B 147 10.82 -13.58 3.51
N ASN B 148 9.82 -13.88 2.69
CA ASN B 148 9.59 -13.16 1.44
C ASN B 148 9.30 -11.68 1.63
N GLN B 149 8.52 -11.35 2.66
CA GLN B 149 8.15 -9.97 2.93
C GLN B 149 9.33 -9.16 3.47
N ASN B 150 10.15 -9.81 4.29
CA ASN B 150 11.39 -9.20 4.79
C ASN B 150 12.40 -8.97 3.67
N ILE B 151 12.44 -9.90 2.71
CA ILE B 151 13.32 -9.80 1.55
C ILE B 151 12.85 -8.65 0.65
N GLN B 152 11.54 -8.58 0.43
CA GLN B 152 10.93 -7.50 -0.34
C GLN B 152 11.24 -6.15 0.30
N TYR B 153 10.97 -6.07 1.60
CA TYR B 153 11.25 -4.86 2.38
C TYR B 153 12.71 -4.45 2.25
N PHE B 154 13.61 -5.40 2.50
CA PHE B 154 15.06 -5.18 2.40
C PHE B 154 15.53 -4.73 1.00
N LEU B 155 15.05 -5.41 -0.04
CA LEU B 155 15.57 -5.17 -1.39
C LEU B 155 15.32 -3.77 -1.94
N ASP B 156 14.10 -3.24 -1.74
CA ASP B 156 13.78 -1.86 -2.10
C ASP B 156 14.77 -0.89 -1.46
N ARG B 157 15.06 -1.10 -0.18
CA ARG B 157 15.96 -0.23 0.59
C ARG B 157 17.40 -0.40 0.15
N PHE B 158 17.83 -1.65 0.02
CA PHE B 158 19.18 -1.97 -0.41
C PHE B 158 19.49 -1.39 -1.78
N TYR B 159 18.58 -1.60 -2.73
CA TYR B 159 18.76 -1.10 -4.09
C TYR B 159 18.64 0.43 -4.18
N LEU B 160 17.79 1.03 -3.36
CA LEU B 160 17.70 2.50 -3.28
C LEU B 160 18.96 3.10 -2.65
N SER B 161 19.43 2.46 -1.57
CA SER B 161 20.72 2.81 -0.96
C SER B 161 21.84 2.76 -2.00
N ARG B 162 21.88 1.67 -2.76
CA ARG B 162 22.89 1.47 -3.79
C ARG B 162 22.86 2.55 -4.87
N ILE B 163 21.67 2.84 -5.39
CA ILE B 163 21.45 3.95 -6.33
C ILE B 163 22.04 5.26 -5.77
N SER B 164 21.80 5.52 -4.49
CA SER B 164 22.24 6.76 -3.84
C SER B 164 23.77 6.84 -3.64
N ILE B 165 24.38 5.71 -3.29
CA ILE B 165 25.84 5.64 -3.11
C ILE B 165 26.54 5.88 -4.45
N ARG B 166 26.08 5.20 -5.48
CA ARG B 166 26.60 5.37 -6.83
C ARG B 166 26.47 6.82 -7.31
N MET B 167 25.32 7.42 -7.03
CA MET B 167 25.09 8.84 -7.33
C MET B 167 26.18 9.72 -6.69
N LEU B 168 26.36 9.55 -5.39
CA LEU B 168 27.41 10.24 -4.64
C LEU B 168 28.80 10.06 -5.25
N ILE B 169 29.14 8.83 -5.60
CA ILE B 169 30.44 8.51 -6.21
C ILE B 169 30.57 9.14 -7.60
N ASN B 170 29.49 9.07 -8.37
CA ASN B 170 29.43 9.66 -9.71
C ASN B 170 29.60 11.17 -9.71
N GLN B 171 28.95 11.85 -8.76
CA GLN B 171 29.09 13.30 -8.63
C GLN B 171 30.54 13.69 -8.37
N HIS B 172 31.15 13.09 -7.35
CA HIS B 172 32.54 13.39 -7.03
C HIS B 172 33.50 13.09 -8.18
N THR B 173 33.41 11.89 -8.75
CA THR B 173 34.37 11.46 -9.79
C THR B 173 34.24 12.23 -11.11
N LEU B 174 33.00 12.48 -11.55
CA LEU B 174 32.77 13.24 -12.78
C LEU B 174 33.16 14.71 -12.65
N ILE B 175 32.99 15.27 -11.46
CA ILE B 175 33.36 16.67 -11.20
C ILE B 175 34.86 16.81 -10.95
N PHE B 176 35.44 15.88 -10.19
CA PHE B 176 36.82 16.04 -9.73
C PHE B 176 37.88 15.14 -10.37
N ASP B 177 37.45 14.25 -11.27
CA ASP B 177 38.35 13.58 -12.22
C ASP B 177 37.63 12.63 -13.16
N HIS B 187 26.67 18.99 -18.43
CA HIS B 187 26.28 18.24 -17.25
C HIS B 187 27.03 18.74 -16.02
N ILE B 188 26.32 18.79 -14.89
CA ILE B 188 26.92 19.05 -13.59
C ILE B 188 27.05 17.69 -12.90
N GLY B 189 28.19 17.04 -13.13
CA GLY B 189 28.37 15.64 -12.78
C GLY B 189 27.56 14.78 -13.73
N SER B 190 26.57 14.08 -13.19
CA SER B 190 25.65 13.28 -13.99
C SER B 190 24.34 14.03 -14.24
N ILE B 191 24.20 15.21 -13.65
CA ILE B 191 22.97 15.99 -13.71
C ILE B 191 22.96 16.95 -14.91
N ASP B 192 21.92 16.83 -15.74
CA ASP B 192 21.66 17.77 -16.81
C ASP B 192 20.67 18.83 -16.32
N PRO B 193 21.12 20.10 -16.25
CA PRO B 193 20.27 21.23 -15.84
C PRO B 193 19.14 21.49 -16.83
N ASN B 194 19.35 21.13 -18.09
CA ASN B 194 18.40 21.37 -19.16
C ASN B 194 18.12 20.09 -19.93
N CYS B 195 17.66 19.07 -19.21
CA CYS B 195 17.39 17.76 -19.78
C CYS B 195 16.14 17.77 -20.67
N SER B 196 16.33 17.46 -21.95
CA SER B 196 15.24 17.34 -22.90
C SER B 196 14.60 15.97 -22.72
N VAL B 197 13.41 15.97 -22.12
CA VAL B 197 12.71 14.74 -21.79
C VAL B 197 12.38 13.93 -23.04
N SER B 198 11.85 14.62 -24.05
CA SER B 198 11.55 14.02 -25.34
C SER B 198 12.76 13.33 -26.00
N ASP B 199 13.93 13.95 -25.89
CA ASP B 199 15.17 13.39 -26.45
C ASP B 199 15.56 12.10 -25.72
N VAL B 200 15.39 12.08 -24.40
CA VAL B 200 15.63 10.87 -23.61
C VAL B 200 14.61 9.77 -23.96
N VAL B 201 13.34 10.15 -24.15
CA VAL B 201 12.30 9.22 -24.61
C VAL B 201 12.67 8.58 -25.97
N LYS B 202 13.14 9.40 -26.91
CA LYS B 202 13.51 8.92 -28.25
C LYS B 202 14.72 8.00 -28.20
N ASP B 203 15.72 8.38 -27.41
CA ASP B 203 16.93 7.57 -27.23
C ASP B 203 16.59 6.18 -26.68
N ALA B 204 15.76 6.15 -25.63
CA ALA B 204 15.31 4.90 -25.03
C ALA B 204 14.51 4.04 -26.00
N TYR B 205 13.63 4.70 -26.77
CA TYR B 205 12.84 4.02 -27.80
C TYR B 205 13.72 3.43 -28.89
N ASP B 206 14.68 4.21 -29.39
CA ASP B 206 15.57 3.78 -30.48
C ASP B 206 16.36 2.53 -30.09
N MET B 207 16.79 2.49 -28.83
CA MET B 207 17.55 1.35 -28.33
C MET B 207 16.68 0.10 -28.14
N ALA B 208 15.47 0.28 -27.61
CA ALA B 208 14.55 -0.84 -27.42
C ALA B 208 14.03 -1.38 -28.76
N LYS B 209 13.72 -0.47 -29.68
CA LYS B 209 13.27 -0.82 -31.03
C LYS B 209 14.30 -1.72 -31.69
N LEU B 210 15.56 -1.34 -31.57
CA LEU B 210 16.70 -2.10 -32.09
C LEU B 210 16.74 -3.52 -31.54
N LEU B 211 16.51 -3.67 -30.23
CA LEU B 211 16.52 -4.99 -29.62
C LEU B 211 15.28 -5.79 -29.98
N CYS B 212 14.19 -5.07 -30.24
CA CYS B 212 12.91 -5.68 -30.60
C CYS B 212 12.95 -6.21 -32.04
N ASP B 213 13.31 -5.35 -32.98
CA ASP B 213 13.34 -5.73 -34.38
C ASP B 213 14.46 -6.72 -34.73
N LYS B 214 15.36 -6.96 -33.76
CA LYS B 214 16.44 -7.94 -33.91
C LYS B 214 16.25 -9.18 -33.03
N TYR B 215 15.05 -9.33 -32.46
CA TYR B 215 14.68 -10.49 -31.64
C TYR B 215 13.26 -10.99 -31.98
N TYR B 216 12.49 -10.16 -32.68
CA TYR B 216 11.18 -10.54 -33.20
C TYR B 216 11.06 -10.36 -34.72
N MET B 217 11.86 -9.42 -35.25
CA MET B 217 11.82 -9.01 -36.66
C MET B 217 10.64 -8.08 -36.95
N ALA B 218 10.00 -7.59 -35.90
CA ALA B 218 8.88 -6.66 -36.00
C ALA B 218 8.90 -5.70 -34.81
N SER B 219 8.50 -4.45 -35.04
CA SER B 219 8.47 -3.46 -33.96
C SER B 219 7.42 -2.37 -34.19
N PRO B 220 6.72 -1.95 -33.12
CA PRO B 220 5.78 -0.84 -33.17
C PRO B 220 6.45 0.53 -33.29
N ASP B 221 5.76 1.47 -33.91
CA ASP B 221 6.20 2.86 -34.00
C ASP B 221 6.04 3.61 -32.67
N LEU B 222 6.56 4.83 -32.65
CA LEU B 222 6.43 5.72 -31.51
C LEU B 222 5.65 6.95 -31.91
N GLU B 223 4.74 7.36 -31.01
CA GLU B 223 4.02 8.62 -31.11
C GLU B 223 4.26 9.37 -29.81
N ILE B 224 4.78 10.58 -29.91
CA ILE B 224 5.02 11.42 -28.73
C ILE B 224 4.20 12.69 -28.81
N GLN B 225 3.63 13.06 -27.67
CA GLN B 225 2.96 14.34 -27.54
C GLN B 225 3.41 14.99 -26.24
N GLU B 226 3.38 16.30 -26.23
CA GLU B 226 3.76 17.09 -25.07
C GLU B 226 2.66 18.06 -24.71
N VAL B 227 2.40 18.18 -23.41
CA VAL B 227 1.50 19.21 -22.90
C VAL B 227 2.24 19.97 -21.79
N ASN B 228 2.74 21.14 -22.15
CA ASN B 228 3.40 22.01 -21.19
C ASN B 228 2.38 23.04 -20.68
N ALA B 229 1.87 22.81 -19.48
CA ALA B 229 0.85 23.67 -18.89
C ALA B 229 1.44 24.92 -18.26
N THR B 230 2.74 24.88 -17.99
CA THR B 230 3.47 26.02 -17.42
C THR B 230 3.79 27.09 -18.49
N ASN B 231 4.00 26.63 -19.73
CA ASN B 231 4.30 27.50 -20.87
C ASN B 231 3.97 26.77 -22.16
N ALA B 232 2.78 27.05 -22.69
CA ALA B 232 2.11 26.23 -23.72
C ALA B 232 2.96 25.80 -24.92
N THR B 233 3.92 26.63 -25.33
CA THR B 233 4.70 26.33 -26.53
C THR B 233 6.13 25.78 -26.29
N GLN B 234 6.58 25.80 -25.04
CA GLN B 234 7.97 25.45 -24.74
C GLN B 234 8.17 23.95 -24.65
N PRO B 235 9.21 23.43 -25.34
CA PRO B 235 9.62 22.04 -25.17
C PRO B 235 9.90 21.74 -23.71
N ILE B 236 9.46 20.57 -23.25
CA ILE B 236 9.57 20.24 -21.84
C ILE B 236 10.99 19.82 -21.47
N HIS B 237 11.61 20.64 -20.62
CA HIS B 237 12.92 20.36 -20.05
C HIS B 237 12.82 20.30 -18.53
N MET B 238 13.79 19.62 -17.91
CA MET B 238 13.87 19.56 -16.45
C MET B 238 15.33 19.44 -16.01
N VAL B 239 15.56 19.60 -14.70
CA VAL B 239 16.83 19.23 -14.10
C VAL B 239 16.73 17.78 -13.67
N TYR B 240 17.55 16.91 -14.27
CA TYR B 240 17.52 15.49 -13.91
C TYR B 240 18.80 14.76 -14.31
N VAL B 241 18.97 13.55 -13.78
CA VAL B 241 20.01 12.62 -14.20
C VAL B 241 19.49 11.82 -15.38
N PRO B 242 19.99 12.13 -16.60
CA PRO B 242 19.48 11.51 -17.82
C PRO B 242 19.51 9.99 -17.81
N SER B 243 20.59 9.41 -17.25
CA SER B 243 20.75 7.95 -17.24
C SER B 243 19.67 7.24 -16.41
N HIS B 244 19.19 7.89 -15.35
CA HIS B 244 18.13 7.36 -14.52
C HIS B 244 16.82 7.32 -15.31
N LEU B 245 16.52 8.45 -15.95
CA LEU B 245 15.35 8.58 -16.81
C LEU B 245 15.38 7.58 -17.95
N TYR B 246 16.53 7.49 -18.62
CA TYR B 246 16.75 6.53 -19.69
C TYR B 246 16.52 5.10 -19.21
N HIS B 247 17.09 4.75 -18.05
CA HIS B 247 16.95 3.41 -17.48
C HIS B 247 15.48 3.02 -17.38
N MET B 248 14.68 3.90 -16.77
CA MET B 248 13.23 3.69 -16.59
C MET B 248 12.50 3.52 -17.92
N LEU B 249 12.71 4.46 -18.83
CA LEU B 249 12.06 4.45 -20.13
C LEU B 249 12.46 3.24 -20.96
N PHE B 250 13.73 2.87 -20.91
CA PHE B 250 14.26 1.74 -21.65
C PHE B 250 13.58 0.44 -21.22
N GLU B 251 13.52 0.20 -19.91
CA GLU B 251 12.83 -0.98 -19.38
C GLU B 251 11.37 -1.02 -19.79
N LEU B 252 10.68 0.12 -19.71
CA LEU B 252 9.26 0.17 -20.01
C LEU B 252 8.98 -0.01 -21.50
N PHE B 253 9.82 0.60 -22.35
CA PHE B 253 9.72 0.43 -23.80
C PHE B 253 9.84 -1.04 -24.22
N LYS B 254 10.86 -1.73 -23.70
CA LYS B 254 11.02 -3.16 -23.96
C LYS B 254 9.79 -3.98 -23.60
N ASN B 255 9.17 -3.70 -22.45
CA ASN B 255 7.96 -4.40 -22.03
C ASN B 255 6.78 -4.16 -22.98
N ALA B 256 6.54 -2.89 -23.28
CA ALA B 256 5.50 -2.47 -24.19
C ALA B 256 5.67 -3.05 -25.58
N MET B 257 6.92 -3.11 -26.05
CA MET B 257 7.25 -3.71 -27.35
C MET B 257 7.03 -5.21 -27.39
N ARG B 258 7.59 -5.91 -26.40
CA ARG B 258 7.35 -7.36 -26.24
C ARG B 258 5.86 -7.68 -26.19
N ALA B 259 5.12 -6.99 -25.32
CA ALA B 259 3.67 -7.21 -25.20
C ALA B 259 2.91 -6.95 -26.50
N THR B 260 3.25 -5.85 -27.18
CA THR B 260 2.65 -5.51 -28.48
C THR B 260 2.92 -6.59 -29.54
N VAL B 261 4.17 -7.01 -29.68
CA VAL B 261 4.52 -8.01 -30.69
C VAL B 261 3.89 -9.37 -30.37
N GLU B 262 3.92 -9.76 -29.10
CA GLU B 262 3.43 -11.08 -28.71
C GLU B 262 1.92 -11.24 -28.79
N SER B 263 1.19 -10.12 -28.77
CA SER B 263 -0.28 -10.15 -28.76
C SER B 263 -0.89 -9.82 -30.11
N HIS B 264 -0.05 -9.63 -31.12
CA HIS B 264 -0.52 -9.27 -32.45
C HIS B 264 0.02 -10.24 -33.49
N GLU B 265 -0.73 -10.42 -34.57
CA GLU B 265 -0.37 -11.40 -35.61
C GLU B 265 0.19 -10.77 -36.88
N SER B 266 -0.05 -9.48 -37.06
CA SER B 266 0.39 -8.80 -38.28
C SER B 266 1.57 -7.87 -38.09
N SER B 267 2.46 -7.93 -39.08
CA SER B 267 3.65 -7.13 -39.18
C SER B 267 3.34 -5.67 -39.53
N LEU B 268 2.16 -5.45 -40.11
CA LEU B 268 1.83 -4.22 -40.83
C LEU B 268 0.90 -3.28 -40.09
N THR B 269 0.22 -3.81 -39.07
CA THR B 269 -0.79 -3.08 -38.33
C THR B 269 -0.47 -3.01 -36.83
N LEU B 270 0.81 -3.05 -36.48
CA LEU B 270 1.19 -2.96 -35.07
C LEU B 270 0.80 -1.61 -34.52
N PRO B 271 0.07 -1.60 -33.38
CA PRO B 271 -0.29 -0.33 -32.77
C PRO B 271 0.97 0.34 -32.24
N PRO B 272 1.07 1.66 -32.38
CA PRO B 272 2.24 2.37 -31.90
C PRO B 272 2.27 2.43 -30.38
N ILE B 273 3.45 2.61 -29.81
CA ILE B 273 3.56 2.98 -28.41
C ILE B 273 3.40 4.49 -28.37
N LYS B 274 2.46 4.95 -27.54
CA LYS B 274 2.15 6.36 -27.41
C LYS B 274 2.77 6.91 -26.14
N ILE B 275 3.44 8.06 -26.29
CA ILE B 275 4.05 8.75 -25.17
C ILE B 275 3.38 10.11 -24.99
N MET B 276 3.00 10.40 -23.75
CA MET B 276 2.53 11.72 -23.36
C MET B 276 3.46 12.25 -22.29
N VAL B 277 4.07 13.39 -22.57
CA VAL B 277 4.85 14.11 -21.58
C VAL B 277 4.04 15.34 -21.16
N ALA B 278 3.76 15.43 -19.87
CA ALA B 278 3.06 16.58 -19.31
C ALA B 278 3.89 17.25 -18.22
N LEU B 279 3.95 18.57 -18.27
CA LEU B 279 4.60 19.35 -17.22
C LEU B 279 3.56 20.26 -16.56
N GLY B 280 3.48 20.17 -15.24
CA GLY B 280 2.62 21.06 -14.45
C GLY B 280 3.47 21.84 -13.48
N GLU B 281 2.82 22.45 -12.48
CA GLU B 281 3.55 23.25 -11.49
C GLU B 281 4.46 22.40 -10.60
N GLU B 282 4.04 21.15 -10.36
CA GLU B 282 4.68 20.31 -9.36
C GLU B 282 5.24 19.02 -9.96
N ASP B 283 4.51 18.44 -10.92
CA ASP B 283 4.84 17.16 -11.51
C ASP B 283 5.34 17.33 -12.94
N LEU B 284 6.31 16.51 -13.31
CA LEU B 284 6.53 16.18 -14.70
C LEU B 284 6.13 14.72 -14.86
N SER B 285 5.13 14.48 -15.71
CA SER B 285 4.58 13.13 -15.88
C SER B 285 4.83 12.59 -17.28
N ILE B 286 5.26 11.34 -17.36
CA ILE B 286 5.48 10.66 -18.64
C ILE B 286 4.67 9.37 -18.66
N LYS B 287 3.64 9.34 -19.51
CA LYS B 287 2.81 8.16 -19.67
C LYS B 287 3.20 7.43 -20.95
N MET B 288 3.46 6.13 -20.83
CA MET B 288 3.65 5.25 -21.96
C MET B 288 2.44 4.32 -22.08
N SER B 289 1.77 4.34 -23.23
CA SER B 289 0.58 3.52 -23.48
C SER B 289 0.83 2.54 -24.61
N ASP B 290 0.59 1.26 -24.32
CA ASP B 290 0.64 0.24 -25.35
C ASP B 290 -0.70 -0.45 -25.53
N ARG B 291 -0.90 -1.04 -26.70
CA ARG B 291 -2.06 -1.89 -26.93
C ARG B 291 -1.62 -3.35 -27.00
N GLY B 292 -0.82 -3.76 -26.00
CA GLY B 292 -0.23 -5.10 -25.99
C GLY B 292 -1.08 -6.19 -25.35
N GLY B 293 -2.38 -5.95 -25.20
CA GLY B 293 -3.30 -6.96 -24.67
C GLY B 293 -3.51 -6.93 -23.18
N GLY B 294 -2.71 -6.13 -22.47
CA GLY B 294 -2.87 -5.92 -21.03
C GLY B 294 -2.57 -7.10 -20.16
N VAL B 295 -2.71 -6.92 -18.84
CA VAL B 295 -2.52 -8.01 -17.88
C VAL B 295 -3.57 -7.90 -16.75
N PRO B 296 -4.03 -9.05 -16.21
CA PRO B 296 -4.96 -9.03 -15.07
C PRO B 296 -4.40 -8.23 -13.91
N LEU B 297 -5.28 -7.53 -13.19
CA LEU B 297 -4.89 -6.72 -12.03
C LEU B 297 -4.15 -7.50 -10.95
N ARG B 298 -4.57 -8.75 -10.70
CA ARG B 298 -3.94 -9.56 -9.67
C ARG B 298 -2.45 -9.81 -9.95
N LYS B 299 -2.07 -9.66 -11.22
CA LYS B 299 -0.70 -9.89 -11.65
C LYS B 299 0.16 -8.63 -11.65
N ILE B 300 -0.48 -7.45 -11.64
CA ILE B 300 0.25 -6.18 -11.62
C ILE B 300 1.15 -6.05 -10.38
N GLU B 301 0.62 -6.45 -9.22
CA GLU B 301 1.36 -6.30 -7.96
C GLU B 301 2.62 -7.17 -7.89
N ARG B 302 2.57 -8.36 -8.48
CA ARG B 302 3.73 -9.25 -8.50
C ARG B 302 4.85 -8.80 -9.46
N LEU B 303 4.55 -7.83 -10.32
CA LEU B 303 5.56 -7.29 -11.26
C LEU B 303 6.64 -6.50 -10.54
N PHE B 304 6.32 -6.00 -9.35
CA PHE B 304 7.29 -5.29 -8.51
C PHE B 304 7.82 -6.16 -7.37
N SER B 305 7.40 -7.42 -7.36
CA SER B 305 7.88 -8.41 -6.41
C SER B 305 9.21 -8.99 -6.90
N TYR B 306 10.24 -8.93 -6.07
CA TYR B 306 11.53 -9.52 -6.38
C TYR B 306 11.49 -11.05 -6.39
N MET B 307 10.69 -11.62 -5.48
CA MET B 307 10.58 -13.07 -5.36
C MET B 307 9.85 -13.68 -6.55
N TYR B 308 8.78 -13.02 -7.00
CA TYR B 308 8.05 -13.42 -8.19
C TYR B 308 8.89 -13.30 -9.46
N SER B 309 9.73 -12.26 -9.53
CA SER B 309 10.51 -11.98 -10.75
C SER B 309 11.84 -12.74 -10.84
N THR B 310 12.15 -13.56 -9.84
CA THR B 310 13.37 -14.37 -9.86
C THR B 310 13.06 -15.75 -10.42
N ALA B 311 13.59 -16.04 -11.61
CA ALA B 311 13.36 -17.30 -12.30
C ALA B 311 14.67 -18.06 -12.51
N PRO B 312 14.65 -19.39 -12.31
CA PRO B 312 13.52 -20.21 -11.88
C PRO B 312 13.45 -20.37 -10.36
N GLY B 327 14.92 -10.42 -14.25
CA GLY B 327 13.63 -9.77 -14.39
C GLY B 327 13.36 -8.74 -13.31
N TYR B 328 14.42 -8.05 -12.87
CA TYR B 328 14.30 -7.04 -11.81
C TYR B 328 14.10 -5.63 -12.40
N GLY B 329 13.93 -5.58 -13.72
CA GLY B 329 13.73 -4.34 -14.47
C GLY B 329 12.68 -3.39 -13.91
N LEU B 330 11.48 -3.90 -13.65
CA LEU B 330 10.39 -3.05 -13.16
C LEU B 330 10.56 -2.55 -11.72
N PRO B 331 10.76 -3.45 -10.74
CA PRO B 331 10.95 -2.95 -9.36
C PRO B 331 12.11 -1.95 -9.22
N ILE B 332 13.20 -2.16 -9.94
CA ILE B 332 14.35 -1.23 -9.93
C ILE B 332 14.08 0.08 -10.67
N SER B 333 13.41 0.01 -11.82
CA SER B 333 12.97 1.22 -12.50
C SER B 333 12.11 2.09 -11.60
N ARG B 334 11.22 1.47 -10.82
CA ARG B 334 10.39 2.22 -9.86
C ARG B 334 11.24 2.88 -8.77
N LEU B 335 12.28 2.17 -8.33
CA LEU B 335 13.24 2.73 -7.36
C LEU B 335 13.95 3.98 -7.89
N TYR B 336 14.37 3.93 -9.16
CA TYR B 336 14.92 5.11 -9.84
C TYR B 336 13.97 6.30 -9.81
N ALA B 337 12.67 6.04 -9.99
CA ALA B 337 11.66 7.10 -9.94
C ALA B 337 11.44 7.60 -8.52
N LYS B 338 11.43 6.67 -7.56
CA LYS B 338 11.24 7.04 -6.14
C LYS B 338 12.44 7.78 -5.52
N TYR B 339 13.63 7.58 -6.10
CA TYR B 339 14.89 8.12 -5.55
C TYR B 339 14.88 9.63 -5.34
N PHE B 340 14.31 10.37 -6.29
CA PHE B 340 14.14 11.81 -6.14
C PHE B 340 12.66 12.18 -5.94
N GLN B 341 11.95 11.35 -5.16
CA GLN B 341 10.58 11.64 -4.72
C GLN B 341 9.51 11.49 -5.81
N GLY B 342 9.84 10.77 -6.88
CA GLY B 342 8.84 10.45 -7.90
C GLY B 342 8.22 9.08 -7.68
N ASP B 343 7.60 8.55 -8.73
CA ASP B 343 7.01 7.22 -8.70
C ASP B 343 6.90 6.67 -10.10
N LEU B 344 6.60 5.38 -10.18
CA LEU B 344 6.35 4.71 -11.43
C LEU B 344 5.22 3.73 -11.17
N GLN B 345 4.12 3.95 -11.87
CA GLN B 345 2.89 3.23 -11.64
C GLN B 345 2.40 2.59 -12.94
N LEU B 346 1.80 1.42 -12.82
CA LEU B 346 1.24 0.69 -13.94
C LEU B 346 -0.26 0.53 -13.76
N PHE B 347 -0.98 0.64 -14.87
CA PHE B 347 -2.43 0.47 -14.89
C PHE B 347 -2.73 -0.12 -16.23
N SER B 348 -3.06 -1.41 -16.26
CA SER B 348 -3.42 -2.01 -17.52
C SER B 348 -4.90 -2.27 -17.55
N MET B 349 -5.37 -2.65 -18.73
CA MET B 349 -6.71 -3.10 -18.94
C MET B 349 -6.63 -4.41 -19.68
N GLU B 350 -6.91 -5.50 -18.96
CA GLU B 350 -6.79 -6.84 -19.50
C GLU B 350 -7.67 -6.97 -20.74
N GLY B 351 -7.04 -7.37 -21.85
CA GLY B 351 -7.72 -7.43 -23.13
C GLY B 351 -7.43 -6.27 -24.07
N PHE B 352 -6.87 -5.18 -23.53
CA PHE B 352 -6.63 -3.97 -24.31
C PHE B 352 -5.15 -3.54 -24.32
N GLY B 353 -4.61 -3.25 -23.15
CA GLY B 353 -3.23 -2.83 -23.05
C GLY B 353 -2.90 -2.13 -21.75
N THR B 354 -1.72 -1.55 -21.69
CA THR B 354 -1.27 -0.98 -20.43
C THR B 354 -0.65 0.39 -20.54
N ASP B 355 -0.99 1.23 -19.57
CA ASP B 355 -0.34 2.51 -19.39
C ASP B 355 0.66 2.42 -18.24
N ALA B 356 1.82 3.03 -18.45
CA ALA B 356 2.87 3.09 -17.46
C ALA B 356 3.19 4.57 -17.29
N VAL B 357 3.20 5.03 -16.03
CA VAL B 357 3.45 6.46 -15.78
C VAL B 357 4.64 6.66 -14.86
N ILE B 358 5.57 7.49 -15.33
CA ILE B 358 6.66 7.95 -14.51
C ILE B 358 6.27 9.34 -14.02
N TYR B 359 6.27 9.49 -12.70
CA TYR B 359 6.05 10.78 -12.09
C TYR B 359 7.37 11.28 -11.58
N LEU B 360 7.71 12.51 -11.95
CA LEU B 360 8.93 13.13 -11.47
C LEU B 360 8.57 14.47 -10.88
N LYS B 361 9.37 14.95 -9.94
CA LYS B 361 9.24 16.32 -9.46
C LYS B 361 9.74 17.29 -10.54
N ALA B 362 8.95 18.33 -10.78
CA ALA B 362 9.29 19.37 -11.75
C ALA B 362 10.36 20.31 -11.21
N LEU B 363 10.39 20.49 -9.90
CA LEU B 363 11.32 21.46 -9.28
C LEU B 363 12.47 20.77 -8.55
N SER B 364 13.68 21.31 -8.71
CA SER B 364 14.90 20.73 -8.14
C SER B 364 14.97 20.80 -6.61
N THR B 365 14.23 21.72 -6.01
CA THR B 365 14.13 21.77 -4.54
C THR B 365 13.26 20.65 -3.99
N ASP B 366 12.32 20.18 -4.79
CA ASP B 366 11.45 19.05 -4.45
C ASP B 366 12.11 17.70 -4.71
N SER B 367 13.05 17.67 -5.65
CA SER B 367 13.81 16.46 -5.98
C SER B 367 14.86 16.15 -4.92
N VAL B 368 14.43 15.51 -3.85
CA VAL B 368 15.30 15.18 -2.73
C VAL B 368 15.52 13.66 -2.70
N GLU B 369 16.73 13.23 -2.31
CA GLU B 369 17.08 11.82 -2.20
C GLU B 369 16.13 11.08 -1.26
N ARG B 370 15.70 9.91 -1.67
CA ARG B 370 14.88 9.03 -0.85
C ARG B 370 15.79 7.93 -0.29
N LEU B 371 16.12 8.05 0.99
CA LEU B 371 17.15 7.22 1.61
C LEU B 371 16.62 6.39 2.74
N PRO B 372 16.92 5.08 2.72
CA PRO B 372 16.56 4.25 3.86
C PRO B 372 17.45 4.62 5.04
N VAL B 373 16.92 4.48 6.25
CA VAL B 373 17.68 4.73 7.47
C VAL B 373 17.49 3.55 8.44
N TYR B 374 18.60 3.01 8.94
CA TYR B 374 18.50 2.00 9.97
C TYR B 374 18.22 2.65 11.32
N ASN B 375 17.23 2.14 12.02
CA ASN B 375 16.92 2.55 13.39
C ASN B 375 16.01 1.49 13.98
N LYS B 376 15.47 1.72 15.17
CA LYS B 376 14.56 0.76 15.80
C LYS B 376 13.33 0.52 14.94
N SER B 377 12.84 1.58 14.30
CA SER B 377 11.71 1.50 13.39
C SER B 377 11.97 0.53 12.23
N ALA B 378 13.17 0.59 11.65
CA ALA B 378 13.56 -0.33 10.58
C ALA B 378 13.74 -1.75 11.12
N TRP B 379 14.38 -1.86 12.28
CA TRP B 379 14.60 -3.15 12.95
C TRP B 379 13.29 -3.92 13.18
N ARG B 380 12.24 -3.20 13.57
CA ARG B 380 10.91 -3.80 13.80
C ARG B 380 10.31 -4.44 12.55
N HIS B 381 10.67 -3.91 11.39
CA HIS B 381 10.20 -4.42 10.11
C HIS B 381 10.75 -5.80 9.75
N TYR B 382 11.79 -6.22 10.45
CA TYR B 382 12.37 -7.55 10.28
C TYR B 382 11.85 -8.53 11.34
N GLN B 383 11.22 -7.99 12.38
CA GLN B 383 10.66 -8.80 13.46
C GLN B 383 9.18 -9.12 13.21
N THR B 384 8.81 -9.17 11.94
CA THR B 384 7.44 -9.50 11.53
C THR B 384 7.14 -10.97 11.80
N ILE B 385 5.93 -11.23 12.29
CA ILE B 385 5.48 -12.58 12.59
C ILE B 385 4.47 -13.08 11.55
N GLN B 386 4.27 -14.39 11.51
CA GLN B 386 3.17 -14.98 10.74
C GLN B 386 1.86 -14.56 11.40
N GLU B 387 1.02 -13.86 10.62
CA GLU B 387 -0.14 -13.17 11.15
C GLU B 387 -1.43 -13.66 10.49
N ALA B 388 -2.51 -13.67 11.26
CA ALA B 388 -3.82 -14.02 10.73
C ALA B 388 -4.34 -12.88 9.85
N GLY B 389 -5.22 -13.22 8.92
CA GLY B 389 -5.80 -12.26 7.99
C GLY B 389 -6.59 -11.15 8.67
N ASP B 390 -6.54 -9.99 8.04
CA ASP B 390 -7.24 -8.79 8.49
C ASP B 390 -8.68 -8.84 8.01
N TRP B 391 -8.87 -9.55 6.89
CA TRP B 391 -10.12 -9.62 6.16
C TRP B 391 -10.52 -11.08 5.98
N CYS B 392 -11.81 -11.32 5.71
CA CYS B 392 -12.32 -12.67 5.49
C CYS B 392 -11.75 -13.31 4.23
N VAL B 393 -11.38 -14.58 4.35
CA VAL B 393 -10.96 -15.37 3.20
C VAL B 393 -12.11 -16.29 2.82
N PRO B 394 -12.57 -16.23 1.55
CA PRO B 394 -13.61 -17.14 1.10
C PRO B 394 -13.12 -18.59 1.08
N SER B 395 -14.04 -19.52 1.32
CA SER B 395 -13.74 -20.95 1.24
C SER B 395 -13.37 -21.35 -0.19
N THR B 396 -12.49 -22.35 -0.31
CA THR B 396 -12.09 -22.89 -1.61
C THR B 396 -13.22 -23.64 -2.28
N GLU B 397 -14.10 -24.24 -1.47
CA GLU B 397 -15.29 -24.90 -1.97
C GLU B 397 -16.55 -24.30 -1.33
N PRO B 398 -17.00 -23.12 -1.83
CA PRO B 398 -18.14 -22.40 -1.25
C PRO B 398 -19.42 -23.21 -1.31
N LYS B 399 -20.30 -22.99 -0.32
CA LYS B 399 -21.54 -23.74 -0.16
C LYS B 399 -22.47 -23.61 -1.36
N ASN B 400 -22.99 -24.74 -1.82
CA ASN B 400 -23.98 -24.76 -2.88
C ASN B 400 -25.29 -24.15 -2.38
N THR B 401 -25.74 -23.09 -3.04
CA THR B 401 -26.92 -22.35 -2.59
C THR B 401 -28.12 -22.58 -3.51
N SER B 402 -27.94 -23.42 -4.52
CA SER B 402 -29.02 -23.80 -5.45
C SER B 402 -30.01 -24.74 -4.78
N THR B 403 -31.24 -24.73 -5.27
CA THR B 403 -32.36 -25.43 -4.62
C THR B 403 -32.50 -26.92 -4.98
N TYR B 404 -33.61 -27.52 -4.59
CA TYR B 404 -33.87 -28.95 -4.74
C TYR B 404 -34.70 -29.27 -5.99
N SER C 1 5.91 -36.12 38.07
CA SER C 1 4.84 -35.11 37.87
C SER C 1 4.72 -34.69 36.41
N TYR C 2 3.49 -34.45 35.97
CA TYR C 2 3.21 -34.08 34.59
C TYR C 2 3.46 -32.59 34.34
N PRO C 3 4.20 -32.26 33.27
CA PRO C 3 4.44 -30.87 32.87
C PRO C 3 3.13 -30.13 32.61
N PRO C 4 2.94 -28.94 33.24
CA PRO C 4 1.72 -28.14 33.10
C PRO C 4 1.41 -27.78 31.65
N HIS C 5 0.38 -28.44 31.09
CA HIS C 5 0.04 -28.27 29.68
C HIS C 5 -1.32 -27.59 29.49
N MET C 6 -1.44 -26.87 28.37
CA MET C 6 -2.71 -26.32 27.92
C MET C 6 -3.03 -26.95 26.56
N GLN C 7 -4.31 -27.26 26.33
CA GLN C 7 -4.71 -27.94 25.10
C GLN C 7 -5.63 -27.09 24.23
N VAL C 8 -5.31 -27.06 22.93
CA VAL C 8 -6.10 -26.33 21.95
C VAL C 8 -7.22 -27.20 21.42
N LEU C 9 -8.45 -26.72 21.55
CA LEU C 9 -9.64 -27.42 21.10
C LEU C 9 -10.27 -26.67 19.92
N LEU C 10 -10.73 -27.41 18.91
CA LEU C 10 -11.38 -26.82 17.74
C LEU C 10 -12.75 -26.24 18.11
N PRO C 11 -12.90 -24.91 18.05
CA PRO C 11 -14.15 -24.26 18.40
C PRO C 11 -15.06 -23.98 17.20
N ALA C 12 -16.27 -23.49 17.47
CA ALA C 12 -17.16 -23.02 16.42
C ALA C 12 -16.70 -21.65 15.95
N LEU C 13 -16.26 -21.58 14.70
CA LEU C 13 -15.80 -20.34 14.09
C LEU C 13 -16.93 -19.71 13.29
N SER C 14 -18.03 -20.45 13.18
CA SER C 14 -19.29 -19.99 12.64
C SER C 14 -20.36 -20.41 13.65
N PRO C 15 -21.41 -19.59 13.82
CA PRO C 15 -22.47 -19.94 14.78
C PRO C 15 -23.13 -21.30 14.50
N THR C 16 -23.18 -21.71 13.23
CA THR C 16 -23.75 -23.01 12.86
C THR C 16 -22.68 -23.97 12.33
N MET C 17 -21.53 -24.00 13.01
CA MET C 17 -20.45 -24.92 12.66
C MET C 17 -20.31 -26.02 13.71
N THR C 18 -20.32 -27.27 13.25
CA THR C 18 -20.16 -28.43 14.13
C THR C 18 -18.90 -29.23 13.77
N MET C 19 -18.64 -29.37 12.47
CA MET C 19 -17.43 -30.05 12.01
C MET C 19 -16.39 -29.05 11.52
N GLY C 20 -15.12 -29.44 11.61
CA GLY C 20 -14.00 -28.59 11.19
C GLY C 20 -13.00 -29.30 10.30
N THR C 21 -12.24 -28.52 9.54
CA THR C 21 -11.22 -29.04 8.63
C THR C 21 -9.94 -28.24 8.78
N VAL C 22 -8.84 -28.94 9.09
CA VAL C 22 -7.52 -28.32 9.19
C VAL C 22 -6.90 -28.25 7.80
N GLN C 23 -6.85 -27.04 7.24
CA GLN C 23 -6.31 -26.83 5.89
C GLN C 23 -4.78 -26.95 5.89
N ARG C 24 -4.13 -26.12 6.71
CA ARG C 24 -2.67 -26.08 6.79
C ARG C 24 -2.19 -25.55 8.14
N TRP C 25 -1.26 -26.28 8.75
CA TRP C 25 -0.65 -25.85 10.01
C TRP C 25 0.41 -24.78 9.75
N GLU C 26 0.39 -23.73 10.58
CA GLU C 26 1.27 -22.58 10.39
C GLU C 26 2.36 -22.52 11.46
N LYS C 27 2.24 -23.36 12.48
CA LYS C 27 3.26 -23.49 13.52
C LYS C 27 3.75 -24.93 13.57
N LYS C 28 5.04 -25.12 13.30
CA LYS C 28 5.66 -26.45 13.36
C LYS C 28 5.93 -26.84 14.81
N VAL C 29 6.12 -28.14 15.03
CA VAL C 29 6.37 -28.69 16.37
C VAL C 29 7.72 -28.22 16.94
N GLY C 30 7.67 -27.52 18.07
CA GLY C 30 8.86 -26.96 18.71
C GLY C 30 8.89 -25.44 18.75
N GLU C 31 8.02 -24.82 17.96
CA GLU C 31 7.95 -23.36 17.87
C GLU C 31 7.22 -22.75 19.07
N LYS C 32 7.73 -21.61 19.55
CA LYS C 32 7.04 -20.83 20.57
C LYS C 32 5.89 -20.05 19.96
N LEU C 33 4.88 -19.76 20.77
CA LEU C 33 3.70 -19.03 20.29
C LEU C 33 3.21 -17.99 21.29
N SER C 34 2.98 -16.78 20.79
CA SER C 34 2.47 -15.67 21.61
C SER C 34 0.97 -15.54 21.43
N GLU C 35 0.32 -14.91 22.41
CA GLU C 35 -1.13 -14.69 22.38
C GLU C 35 -1.51 -13.75 21.24
N GLY C 36 -1.81 -14.33 20.07
CA GLY C 36 -2.13 -13.56 18.88
C GLY C 36 -1.54 -14.17 17.60
N ASP C 37 -0.67 -15.16 17.78
CA ASP C 37 -0.02 -15.85 16.66
C ASP C 37 -1.01 -16.67 15.84
N LEU C 38 -0.77 -16.74 14.54
CA LEU C 38 -1.54 -17.60 13.65
C LEU C 38 -1.11 -19.04 13.87
N LEU C 39 -2.05 -19.87 14.33
CA LEU C 39 -1.78 -21.27 14.62
C LEU C 39 -1.94 -22.14 13.38
N ALA C 40 -3.10 -22.03 12.74
CA ALA C 40 -3.43 -22.79 11.53
C ALA C 40 -4.60 -22.19 10.78
N GLU C 41 -4.79 -22.63 9.54
CA GLU C 41 -5.98 -22.29 8.76
C GLU C 41 -7.02 -23.39 8.92
N ILE C 42 -8.14 -23.04 9.54
CA ILE C 42 -9.26 -23.96 9.68
C ILE C 42 -10.35 -23.56 8.69
N GLU C 43 -10.56 -24.42 7.69
CA GLU C 43 -11.52 -24.15 6.63
C GLU C 43 -12.87 -24.80 6.89
N THR C 44 -13.92 -24.19 6.34
CA THR C 44 -15.27 -24.71 6.43
C THR C 44 -16.00 -24.44 5.10
N ASP C 45 -17.30 -24.67 5.09
CA ASP C 45 -18.13 -24.43 3.91
C ASP C 45 -18.35 -22.94 3.63
N ALA C 47 -16.15 -20.11 5.08
CA ALA C 47 -14.96 -19.25 5.12
C ALA C 47 -13.70 -20.04 5.45
N THR C 48 -12.55 -19.47 5.07
CA THR C 48 -11.27 -19.93 5.56
C THR C 48 -10.82 -18.96 6.64
N ILE C 49 -10.89 -19.39 7.89
CA ILE C 49 -10.57 -18.52 9.00
C ILE C 49 -9.21 -18.90 9.61
N GLY C 50 -8.35 -17.90 9.78
CA GLY C 50 -7.04 -18.09 10.40
C GLY C 50 -7.18 -18.21 11.90
N PHE C 51 -6.90 -19.41 12.42
CA PHE C 51 -7.07 -19.70 13.85
C PHE C 51 -5.90 -19.18 14.66
N GLU C 52 -6.21 -18.43 15.70
CA GLU C 52 -5.19 -17.71 16.48
C GLU C 52 -4.88 -18.36 17.83
N VAL C 53 -3.62 -18.27 18.22
CA VAL C 53 -3.14 -18.73 19.51
C VAL C 53 -3.70 -17.84 20.62
N GLN C 54 -4.36 -18.46 21.59
CA GLN C 54 -5.00 -17.74 22.70
C GLN C 54 -4.27 -17.97 24.03
N GLU C 55 -3.30 -18.88 24.01
CA GLU C 55 -2.53 -19.23 25.19
C GLU C 55 -1.05 -19.42 24.85
N GLU C 56 -0.20 -18.63 25.48
CA GLU C 56 1.24 -18.64 25.22
C GLU C 56 1.93 -19.94 25.68
N GLY C 57 2.98 -20.32 24.96
CA GLY C 57 3.75 -21.52 25.28
C GLY C 57 4.58 -22.01 24.11
N TYR C 58 4.57 -23.33 23.90
CA TYR C 58 5.33 -23.98 22.83
C TYR C 58 4.50 -25.14 22.27
N LEU C 59 4.66 -25.42 20.98
CA LEU C 59 3.94 -26.53 20.35
C LEU C 59 4.66 -27.86 20.63
N ALA C 60 3.95 -28.81 21.23
CA ALA C 60 4.52 -30.08 21.66
C ALA C 60 4.23 -31.25 20.70
N LYS C 61 3.00 -31.30 20.19
CA LYS C 61 2.59 -32.37 19.27
C LYS C 61 1.34 -31.96 18.51
N ILE C 62 1.26 -32.36 17.23
CA ILE C 62 0.04 -32.19 16.44
C ILE C 62 -0.75 -33.51 16.47
N LEU C 63 -1.90 -33.46 17.14
CA LEU C 63 -2.74 -34.65 17.33
C LEU C 63 -3.61 -34.92 16.11
N VAL C 64 -4.28 -33.87 15.63
CA VAL C 64 -5.11 -33.95 14.42
C VAL C 64 -4.34 -33.27 13.28
N PRO C 65 -3.80 -34.06 12.34
CA PRO C 65 -2.93 -33.58 11.25
C PRO C 65 -3.66 -32.74 10.19
N GLU C 66 -2.93 -32.37 9.13
CA GLU C 66 -3.48 -31.60 8.02
C GLU C 66 -4.47 -32.41 7.18
N GLY C 67 -5.37 -31.71 6.50
CA GLY C 67 -6.30 -32.34 5.55
C GLY C 67 -7.50 -33.03 6.16
N THR C 68 -7.35 -33.45 7.42
CA THR C 68 -8.40 -34.20 8.12
C THR C 68 -9.68 -33.39 8.34
N ARG C 69 -10.76 -33.88 7.73
CA ARG C 69 -12.05 -33.20 7.74
C ARG C 69 -12.97 -33.72 8.83
N ASP C 70 -14.10 -33.03 9.04
CA ASP C 70 -15.17 -33.46 9.94
C ASP C 70 -14.78 -33.52 11.43
N VAL C 71 -13.77 -32.73 11.81
CA VAL C 71 -13.27 -32.70 13.18
C VAL C 71 -14.29 -32.01 14.10
N PRO C 72 -14.83 -32.74 15.09
CA PRO C 72 -15.88 -32.24 15.99
C PRO C 72 -15.44 -31.06 16.87
N LEU C 73 -16.41 -30.35 17.41
CA LEU C 73 -16.13 -29.22 18.31
C LEU C 73 -15.56 -29.69 19.64
N GLY C 74 -14.49 -29.04 20.07
CA GLY C 74 -13.84 -29.38 21.33
C GLY C 74 -12.74 -30.42 21.19
N THR C 75 -12.56 -30.94 19.98
CA THR C 75 -11.54 -31.95 19.69
C THR C 75 -10.15 -31.35 19.81
N PRO C 76 -9.27 -31.95 20.64
CA PRO C 76 -7.89 -31.52 20.78
C PRO C 76 -7.11 -31.68 19.46
N LEU C 77 -6.62 -30.56 18.93
CA LEU C 77 -5.87 -30.55 17.68
C LEU C 77 -4.37 -30.65 17.93
N CYS C 78 -3.91 -30.05 19.02
CA CYS C 78 -2.49 -30.02 19.38
C CYS C 78 -2.27 -29.82 20.88
N ILE C 79 -1.05 -30.10 21.33
CA ILE C 79 -0.69 -29.94 22.74
C ILE C 79 0.31 -28.79 22.92
N ILE C 80 0.03 -27.90 23.88
CA ILE C 80 0.90 -26.76 24.18
C ILE C 80 1.33 -26.78 25.64
N VAL C 81 2.64 -26.74 25.86
CA VAL C 81 3.18 -26.75 27.23
C VAL C 81 3.74 -25.38 27.61
N GLU C 82 3.76 -25.11 28.91
CA GLU C 82 4.22 -23.83 29.46
C GLU C 82 5.71 -23.56 29.18
N LYS C 83 6.54 -24.59 29.32
CA LYS C 83 7.99 -24.46 29.15
C LYS C 83 8.53 -25.18 27.91
N GLU C 84 9.79 -24.89 27.56
CA GLU C 84 10.40 -25.40 26.34
C GLU C 84 10.89 -26.85 26.42
N ALA C 85 11.54 -27.20 27.53
CA ALA C 85 12.10 -28.54 27.73
C ALA C 85 11.03 -29.60 27.99
N ASP C 86 9.81 -29.15 28.23
CA ASP C 86 8.67 -30.02 28.53
C ASP C 86 8.11 -30.73 27.29
N ILE C 87 8.63 -30.37 26.11
CA ILE C 87 8.23 -30.99 24.86
C ILE C 87 8.81 -32.40 24.74
N HIS D 5 18.40 9.35 39.09
CA HIS D 5 17.62 9.83 37.89
C HIS D 5 18.47 9.82 36.62
N MET D 6 17.80 9.56 35.48
CA MET D 6 18.46 9.53 34.18
C MET D 6 18.27 10.85 33.41
N GLN D 7 19.35 11.31 32.81
CA GLN D 7 19.34 12.53 32.01
C GLN D 7 19.62 12.22 30.55
N VAL D 8 18.72 12.61 29.67
CA VAL D 8 18.84 12.34 28.23
C VAL D 8 19.46 13.53 27.50
N LEU D 9 20.65 13.31 26.93
CA LEU D 9 21.39 14.37 26.25
C LEU D 9 21.25 14.24 24.74
N LEU D 10 21.41 15.37 24.04
CA LEU D 10 21.35 15.38 22.58
C LEU D 10 22.64 14.80 21.99
N PRO D 11 22.51 13.68 21.24
CA PRO D 11 23.69 13.06 20.65
C PRO D 11 24.00 13.60 19.26
N ALA D 12 25.16 13.21 18.72
CA ALA D 12 25.45 13.44 17.31
C ALA D 12 24.63 12.43 16.51
N LEU D 13 23.69 12.94 15.71
CA LEU D 13 22.83 12.10 14.89
C LEU D 13 23.34 12.10 13.46
N SER D 14 24.42 12.85 13.27
CA SER D 14 25.14 12.95 12.02
C SER D 14 26.62 13.13 12.40
N PRO D 15 27.54 12.53 11.61
CA PRO D 15 28.97 12.54 11.93
C PRO D 15 29.57 13.92 12.30
N THR D 16 29.19 14.96 11.57
CA THR D 16 29.73 16.31 11.85
C THR D 16 28.70 17.27 12.47
N MET D 17 27.64 16.71 13.06
CA MET D 17 26.62 17.51 13.73
C MET D 17 27.19 18.18 14.99
N THR D 18 27.09 19.52 15.02
CA THR D 18 27.50 20.30 16.19
C THR D 18 26.28 20.63 17.04
N MET D 19 25.14 20.86 16.38
CA MET D 19 23.91 21.31 17.03
C MET D 19 22.65 20.87 16.28
N GLY D 20 21.53 20.84 17.00
CA GLY D 20 20.24 20.49 16.43
C GLY D 20 19.10 21.35 16.94
N THR D 21 17.98 21.33 16.22
CA THR D 21 16.77 22.02 16.62
C THR D 21 15.74 21.00 17.10
N VAL D 22 15.19 21.22 18.30
CA VAL D 22 14.12 20.36 18.81
C VAL D 22 12.81 20.77 18.13
N GLN D 23 12.55 20.13 16.99
CA GLN D 23 11.40 20.47 16.14
C GLN D 23 10.09 20.21 16.87
N ARG D 24 9.92 19.00 17.40
CA ARG D 24 8.70 18.63 18.11
C ARG D 24 8.97 17.49 19.11
N TRP D 25 8.44 17.65 20.32
CA TRP D 25 8.41 16.55 21.29
C TRP D 25 7.23 15.65 20.98
N GLU D 26 7.51 14.36 20.82
CA GLU D 26 6.49 13.39 20.46
C GLU D 26 6.00 12.61 21.68
N LYS D 27 6.53 12.96 22.84
CA LYS D 27 6.12 12.39 24.12
C LYS D 27 5.72 13.46 25.12
N LYS D 28 4.82 13.10 26.03
CA LYS D 28 4.32 14.04 27.05
C LYS D 28 4.84 13.71 28.44
N VAL D 29 4.78 14.70 29.33
CA VAL D 29 5.13 14.53 30.74
C VAL D 29 4.15 13.55 31.40
N GLY D 30 4.69 12.43 31.89
CA GLY D 30 3.88 11.38 32.50
C GLY D 30 3.80 10.11 31.67
N GLU D 31 4.04 10.25 30.36
CA GLU D 31 4.01 9.12 29.44
C GLU D 31 5.14 8.13 29.67
N LYS D 32 4.83 6.84 29.49
CA LYS D 32 5.81 5.76 29.56
C LYS D 32 6.68 5.80 28.31
N LEU D 33 7.95 5.43 28.47
CA LEU D 33 8.88 5.37 27.36
C LEU D 33 9.47 3.96 27.24
N SER D 34 9.16 3.29 26.13
CA SER D 34 9.75 1.99 25.82
C SER D 34 11.00 2.19 24.96
N GLU D 35 11.96 1.28 25.09
CA GLU D 35 13.21 1.34 24.34
C GLU D 35 12.95 1.21 22.84
N GLY D 36 13.01 2.33 22.14
CA GLY D 36 12.78 2.37 20.70
C GLY D 36 11.68 3.32 20.26
N ASP D 37 10.93 3.85 21.23
CA ASP D 37 9.84 4.79 20.96
C ASP D 37 10.34 6.15 20.48
N LEU D 38 9.51 6.85 19.71
CA LEU D 38 9.83 8.19 19.25
C LEU D 38 9.71 9.19 20.40
N LEU D 39 10.84 9.74 20.82
CA LEU D 39 10.89 10.71 21.91
C LEU D 39 10.65 12.12 21.39
N ALA D 40 11.41 12.50 20.37
CA ALA D 40 11.29 13.80 19.73
C ALA D 40 11.84 13.77 18.30
N GLU D 41 11.45 14.77 17.51
CA GLU D 41 12.02 14.97 16.19
C GLU D 41 13.07 16.07 16.30
N ILE D 42 14.32 15.71 16.04
CA ILE D 42 15.42 16.67 16.04
C ILE D 42 15.79 17.04 14.61
N GLU D 43 15.70 18.33 14.32
CA GLU D 43 16.01 18.85 12.99
C GLU D 43 17.42 19.43 12.97
N THR D 44 18.22 18.93 12.04
CA THR D 44 19.55 19.45 11.80
C THR D 44 19.55 20.24 10.49
N ASP D 45 20.73 20.70 10.12
CA ASP D 45 21.03 21.29 8.84
C ASP D 45 20.98 20.27 7.68
N ALA D 47 19.24 16.91 7.96
CA ALA D 47 18.09 16.02 8.03
C ALA D 47 17.21 16.38 9.22
N THR D 48 15.99 15.88 9.24
CA THR D 48 15.20 15.85 10.47
C THR D 48 15.17 14.40 10.95
N ILE D 49 15.79 14.17 12.11
CA ILE D 49 15.94 12.82 12.65
C ILE D 49 14.94 12.55 13.77
N GLY D 50 14.26 11.41 13.67
CA GLY D 50 13.43 10.91 14.75
C GLY D 50 14.33 10.34 15.83
N PHE D 51 14.41 11.06 16.96
CA PHE D 51 15.25 10.67 18.07
C PHE D 51 14.51 9.67 18.95
N GLU D 52 15.07 8.47 19.06
CA GLU D 52 14.40 7.35 19.72
C GLU D 52 14.85 7.16 21.17
N VAL D 53 13.92 6.68 22.00
CA VAL D 53 14.18 6.36 23.40
C VAL D 53 15.11 5.15 23.49
N GLN D 54 16.20 5.29 24.25
CA GLN D 54 17.19 4.21 24.39
C GLN D 54 17.19 3.59 25.80
N GLU D 55 16.71 4.33 26.78
CA GLU D 55 16.52 3.83 28.15
C GLU D 55 15.07 3.96 28.61
N GLU D 56 14.53 2.86 29.13
CA GLU D 56 13.12 2.81 29.53
C GLU D 56 12.83 3.55 30.84
N GLY D 57 11.63 4.09 30.94
CA GLY D 57 11.21 4.84 32.13
C GLY D 57 10.00 5.74 31.89
N TYR D 58 9.96 6.87 32.60
CA TYR D 58 8.86 7.82 32.50
C TYR D 58 9.38 9.25 32.37
N LEU D 59 8.77 10.01 31.46
CA LEU D 59 9.17 11.40 31.21
C LEU D 59 8.63 12.32 32.30
N ALA D 60 9.55 13.00 33.00
CA ALA D 60 9.20 13.83 34.15
C ALA D 60 9.24 15.33 33.84
N LYS D 61 10.26 15.76 33.10
CA LYS D 61 10.43 17.17 32.75
C LYS D 61 11.04 17.36 31.37
N ILE D 62 10.58 18.40 30.67
CA ILE D 62 11.19 18.84 29.42
C ILE D 62 12.03 20.08 29.71
N LEU D 63 13.34 19.95 29.51
CA LEU D 63 14.29 21.02 29.80
C LEU D 63 14.46 21.95 28.60
N VAL D 64 14.46 21.37 27.41
CA VAL D 64 14.55 22.12 26.16
C VAL D 64 13.24 21.94 25.39
N PRO D 65 12.36 22.96 25.43
CA PRO D 65 11.02 22.88 24.83
C PRO D 65 11.01 22.85 23.30
N GLU D 66 9.82 22.69 22.72
CA GLU D 66 9.63 22.62 21.27
C GLU D 66 9.98 23.93 20.57
N GLY D 67 10.63 23.82 19.42
CA GLY D 67 10.97 24.98 18.60
C GLY D 67 12.31 25.61 18.93
N THR D 68 12.95 25.12 20.00
CA THR D 68 14.25 25.65 20.44
C THR D 68 15.34 25.32 19.42
N ARG D 69 15.96 26.37 18.87
CA ARG D 69 16.92 26.23 17.79
C ARG D 69 18.36 26.20 18.25
N ASP D 70 19.20 25.53 17.47
CA ASP D 70 20.67 25.53 17.64
C ASP D 70 21.17 25.06 19.02
N VAL D 71 20.62 23.97 19.52
CA VAL D 71 21.09 23.40 20.81
C VAL D 71 22.29 22.47 20.58
N PRO D 72 23.43 22.77 21.23
CA PRO D 72 24.66 21.99 21.04
C PRO D 72 24.58 20.55 21.56
N LEU D 73 25.60 19.75 21.25
CA LEU D 73 25.68 18.35 21.68
C LEU D 73 25.79 18.20 23.19
N GLY D 74 25.22 17.14 23.72
CA GLY D 74 25.30 16.83 25.14
C GLY D 74 24.38 17.67 26.02
N THR D 75 23.57 18.52 25.40
CA THR D 75 22.62 19.37 26.12
C THR D 75 21.48 18.51 26.69
N PRO D 76 21.23 18.62 28.00
CA PRO D 76 20.13 17.89 28.63
C PRO D 76 18.77 18.35 28.09
N LEU D 77 18.08 17.45 27.40
CA LEU D 77 16.79 17.74 26.79
C LEU D 77 15.63 17.40 27.74
N CYS D 78 15.77 16.28 28.44
CA CYS D 78 14.74 15.81 29.36
C CYS D 78 15.31 14.92 30.47
N ILE D 79 14.56 14.80 31.56
CA ILE D 79 14.93 13.92 32.68
C ILE D 79 13.91 12.79 32.79
N ILE D 80 14.41 11.56 32.88
CA ILE D 80 13.57 10.37 32.98
C ILE D 80 13.91 9.54 34.23
N VAL D 81 12.89 9.13 34.95
CA VAL D 81 13.04 8.27 36.12
C VAL D 81 12.41 6.89 35.90
N GLU D 82 13.06 5.86 36.42
CA GLU D 82 12.60 4.49 36.27
C GLU D 82 11.55 4.15 37.32
#